data_7MPY
#
_entry.id   7MPY
#
_cell.length_a   66.680
_cell.length_b   240.150
_cell.length_c   148.880
_cell.angle_alpha   90.000
_cell.angle_beta   90.000
_cell.angle_gamma   90.000
#
_symmetry.space_group_name_H-M   'C 2 2 21'
#
loop_
_entity.id
_entity.type
_entity.pdbx_description
1 polymer 'Folate synthesis bifunctional protein'
2 water water
#
_entity_poly.entity_id   1
_entity_poly.type   'polypeptide(L)'
_entity_poly.pdbx_seq_one_letter_code
;MRGSHHHHHHGSENLYFQDFTSLETTTFEEVVIALGSNVGNRMNNFKEALRLMKDYGISVTRHSCLYETEPVHVTDQPRF
LNAAIRGVTKLKPHELLNVLKKIEKEMGREENGLRYGPRPLDLDILFYGKHKIISDKLIIPHERIWERPFVLAPLVDLLG
TEDIDNDKIVAYWHSLSMHSGGIFQAWERLGGESLLGKDGIIQRVIPIGDHLWDFSKKTYVMGILNLTPDSFSDGGKFQS
VDTAVSRVRSMISEGVDIIDIGAQSTRPMASRISSQEEIDRLIPVLKVVRGMAEMKGKLISVDTFNSEVALEAIRNGADI
LNDVSGGSLDENMHKVVADSDVPYMIMHMRGDPCTMQNKENLEYNEICKDVATELYERVREAELSGIPAWRIMIDPGIGF
SKGIDHNLDIVMELPKIREEMAKKSIGLSHAPILIGPSRKRFLGDICGRPEASERDAATVACVTAGILKGANIIRVHNVR
DNVDAARLCDAMMTKRFKNVD
;
_entity_poly.pdbx_strand_id   A,B
#
# COMPACT_ATOMS: atom_id res chain seq x y z
N THR A 27 -23.46 9.27 -27.64
CA THR A 27 -23.04 10.68 -27.35
C THR A 27 -22.16 10.67 -26.08
N PHE A 28 -22.78 10.46 -24.91
CA PHE A 28 -22.15 10.39 -23.56
C PHE A 28 -22.64 9.13 -22.84
N GLU A 29 -21.72 8.27 -22.39
CA GLU A 29 -22.04 7.04 -21.58
C GLU A 29 -21.59 7.29 -20.14
N GLU A 30 -22.44 7.03 -19.15
CA GLU A 30 -22.13 7.24 -17.70
C GLU A 30 -21.16 6.17 -17.23
N VAL A 31 -20.05 6.56 -16.57
CA VAL A 31 -19.04 5.60 -16.03
C VAL A 31 -18.83 5.90 -14.55
N VAL A 32 -18.25 4.93 -13.85
CA VAL A 32 -17.77 4.97 -12.45
C VAL A 32 -16.34 4.43 -12.48
N ILE A 33 -15.36 5.19 -11.99
CA ILE A 33 -13.92 4.77 -11.98
C ILE A 33 -13.43 4.75 -10.53
N ALA A 34 -12.75 3.70 -10.10
CA ALA A 34 -12.17 3.57 -8.75
C ALA A 34 -10.75 4.13 -8.76
N LEU A 35 -10.32 4.79 -7.67
CA LEU A 35 -8.96 5.36 -7.50
C LEU A 35 -8.30 4.68 -6.31
N GLY A 36 -7.02 4.37 -6.38
CA GLY A 36 -6.27 3.70 -5.30
C GLY A 36 -4.83 4.17 -5.34
N SER A 37 -4.23 4.49 -4.19
CA SER A 37 -2.80 4.91 -4.15
C SER A 37 -2.21 4.71 -2.77
N ASN A 38 -0.99 4.19 -2.69
CA ASN A 38 -0.22 4.10 -1.42
C ASN A 38 1.21 4.55 -1.72
N VAL A 39 1.36 5.49 -2.64
CA VAL A 39 2.65 5.91 -3.23
C VAL A 39 2.71 7.43 -3.29
N GLY A 40 3.77 8.02 -2.70
CA GLY A 40 4.05 9.46 -2.74
C GLY A 40 3.03 10.22 -1.93
N ASN A 41 2.76 11.47 -2.30
CA ASN A 41 1.66 12.17 -1.63
C ASN A 41 0.37 11.64 -2.26
N ARG A 42 -0.17 10.56 -1.69
CA ARG A 42 -1.37 9.85 -2.16
C ARG A 42 -2.45 10.82 -2.61
N MET A 43 -2.69 11.92 -1.91
CA MET A 43 -3.77 12.85 -2.28
C MET A 43 -3.38 13.69 -3.51
N ASN A 44 -2.10 13.95 -3.73
CA ASN A 44 -1.64 14.69 -4.94
C ASN A 44 -1.94 13.86 -6.19
N ASN A 45 -1.70 12.56 -6.11
CA ASN A 45 -2.00 11.58 -7.19
C ASN A 45 -3.49 11.64 -7.55
N PHE A 46 -4.37 11.69 -6.56
CA PHE A 46 -5.83 11.72 -6.79
C PHE A 46 -6.17 13.08 -7.42
N LYS A 47 -5.56 14.16 -6.93
CA LYS A 47 -5.78 15.56 -7.42
C LYS A 47 -5.35 15.62 -8.88
N GLU A 48 -4.24 14.98 -9.22
CA GLU A 48 -3.61 15.02 -10.56
C GLU A 48 -4.48 14.21 -11.53
N ALA A 49 -4.78 12.96 -11.16
CA ALA A 49 -5.69 12.05 -11.90
C ALA A 49 -6.97 12.79 -12.30
N LEU A 50 -7.56 13.56 -11.37
CA LEU A 50 -8.84 14.29 -11.60
C LEU A 50 -8.67 15.37 -12.67
N ARG A 51 -7.50 16.02 -12.71
CA ARG A 51 -7.19 17.05 -13.73
C ARG A 51 -7.03 16.36 -15.10
N LEU A 52 -6.15 15.35 -15.19
CA LEU A 52 -5.84 14.62 -16.45
C LEU A 52 -7.11 13.94 -16.98
N MET A 53 -8.03 13.51 -16.11
CA MET A 53 -9.35 12.94 -16.50
C MET A 53 -10.17 14.01 -17.24
N LYS A 54 -10.16 15.25 -16.75
CA LYS A 54 -10.91 16.38 -17.38
C LYS A 54 -10.38 16.61 -18.80
N ASP A 55 -9.08 16.89 -18.91
CA ASP A 55 -8.34 17.25 -20.15
C ASP A 55 -8.52 16.15 -21.21
N TYR A 56 -8.48 14.88 -20.81
CA TYR A 56 -8.55 13.70 -21.73
C TYR A 56 -10.00 13.18 -21.84
N GLY A 57 -10.99 14.07 -21.68
CA GLY A 57 -12.38 13.83 -22.15
C GLY A 57 -13.23 13.01 -21.19
N ILE A 58 -13.03 13.18 -19.88
CA ILE A 58 -13.86 12.59 -18.77
C ILE A 58 -14.39 13.73 -17.88
N SER A 59 -15.70 13.97 -17.91
CA SER A 59 -16.42 14.97 -17.05
C SER A 59 -16.94 14.29 -15.78
N VAL A 60 -16.29 14.55 -14.65
CA VAL A 60 -16.61 13.93 -13.33
C VAL A 60 -17.75 14.73 -12.70
N THR A 61 -18.88 14.06 -12.38
CA THR A 61 -20.10 14.66 -11.77
C THR A 61 -20.16 14.41 -10.24
N ARG A 62 -19.65 13.28 -9.75
CA ARG A 62 -19.72 12.88 -8.32
C ARG A 62 -18.41 12.20 -7.87
N HIS A 63 -17.87 12.65 -6.76
CA HIS A 63 -16.72 12.03 -6.03
C HIS A 63 -17.26 11.31 -4.80
N SER A 64 -16.63 10.19 -4.44
CA SER A 64 -16.95 9.41 -3.20
C SER A 64 -16.36 10.11 -1.99
N CYS A 65 -16.61 9.63 -0.78
CA CYS A 65 -15.77 9.94 0.39
C CYS A 65 -14.38 9.33 0.13
N LEU A 66 -13.35 9.79 0.85
CA LEU A 66 -11.99 9.22 0.85
C LEU A 66 -11.91 8.10 1.90
N TYR A 67 -11.27 6.99 1.57
CA TYR A 67 -11.11 5.85 2.50
C TYR A 67 -9.64 5.56 2.68
N GLU A 68 -9.24 5.31 3.92
CA GLU A 68 -7.88 4.84 4.23
C GLU A 68 -8.06 3.42 4.74
N THR A 69 -7.48 2.49 3.99
CA THR A 69 -7.67 1.03 4.18
C THR A 69 -6.47 0.49 4.90
N GLU A 70 -6.71 -0.35 5.92
CA GLU A 70 -5.66 -1.12 6.63
C GLU A 70 -5.24 -2.27 5.72
N PRO A 71 -3.94 -2.67 5.73
CA PRO A 71 -3.53 -3.89 5.05
C PRO A 71 -4.01 -5.14 5.83
N VAL A 72 -4.57 -6.11 5.09
CA VAL A 72 -5.07 -7.42 5.62
C VAL A 72 -3.93 -8.47 5.63
N HIS A 73 -2.70 -8.06 5.33
CA HIS A 73 -1.49 -8.89 5.58
C HIS A 73 -0.35 -8.00 6.06
N VAL A 74 0.65 -8.62 6.70
CA VAL A 74 1.89 -7.94 7.18
C VAL A 74 2.68 -7.42 5.98
N THR A 75 2.92 -6.11 5.98
CA THR A 75 3.71 -5.36 4.98
C THR A 75 4.30 -4.09 5.63
N ASP A 76 5.37 -3.58 5.03
CA ASP A 76 6.04 -2.31 5.41
C ASP A 76 5.57 -1.18 4.47
N GLN A 77 4.72 -1.52 3.49
CA GLN A 77 4.14 -0.53 2.53
C GLN A 77 3.23 0.42 3.27
N PRO A 78 3.07 1.67 2.76
CA PRO A 78 2.08 2.62 3.28
C PRO A 78 0.66 2.08 3.06
N ARG A 79 -0.30 2.62 3.82
CA ARG A 79 -1.73 2.25 3.71
C ARG A 79 -2.26 2.86 2.41
N PHE A 80 -3.32 2.27 1.86
CA PHE A 80 -3.92 2.76 0.59
C PHE A 80 -4.95 3.84 0.88
N LEU A 81 -5.05 4.83 0.00
CA LEU A 81 -6.17 5.81 -0.06
C LEU A 81 -7.05 5.28 -1.18
N ASN A 82 -8.33 5.13 -0.93
CA ASN A 82 -9.26 4.53 -1.94
C ASN A 82 -10.42 5.48 -2.13
N ALA A 83 -10.84 5.68 -3.35
CA ALA A 83 -11.97 6.57 -3.68
C ALA A 83 -12.63 6.07 -4.97
N ALA A 84 -13.64 6.79 -5.45
CA ALA A 84 -14.29 6.47 -6.72
C ALA A 84 -14.95 7.74 -7.22
N ILE A 85 -15.06 7.88 -8.53
CA ILE A 85 -15.76 9.04 -9.15
C ILE A 85 -16.82 8.50 -10.12
N ARG A 86 -17.74 9.36 -10.50
CA ARG A 86 -18.85 9.00 -11.42
C ARG A 86 -18.94 10.15 -12.42
N GLY A 87 -18.97 9.86 -13.72
CA GLY A 87 -18.99 10.93 -14.74
C GLY A 87 -19.54 10.45 -16.06
N VAL A 88 -19.64 11.35 -17.04
CA VAL A 88 -20.08 11.13 -18.45
C VAL A 88 -18.83 11.22 -19.34
N THR A 89 -18.76 10.41 -20.41
CA THR A 89 -17.62 10.37 -21.36
C THR A 89 -18.11 10.01 -22.77
N LYS A 90 -17.51 10.61 -23.81
CA LYS A 90 -17.69 10.18 -25.22
C LYS A 90 -16.87 8.89 -25.46
N LEU A 91 -15.62 8.87 -24.98
CA LEU A 91 -14.66 7.74 -25.11
C LEU A 91 -15.36 6.39 -24.96
N LYS A 92 -15.06 5.46 -25.87
CA LYS A 92 -15.53 4.06 -25.81
C LYS A 92 -14.70 3.29 -24.78
N PRO A 93 -15.20 2.14 -24.26
CA PRO A 93 -14.50 1.35 -23.26
C PRO A 93 -12.97 1.25 -23.41
N HIS A 94 -12.51 0.80 -24.57
CA HIS A 94 -11.08 0.57 -24.86
C HIS A 94 -10.41 1.95 -24.95
N GLU A 95 -11.10 2.96 -25.46
CA GLU A 95 -10.59 4.36 -25.57
C GLU A 95 -10.34 4.90 -24.16
N LEU A 96 -11.37 4.79 -23.30
CA LEU A 96 -11.38 5.19 -21.86
C LEU A 96 -10.25 4.47 -21.13
N LEU A 97 -10.29 3.13 -21.12
CA LEU A 97 -9.24 2.29 -20.49
C LEU A 97 -7.85 2.84 -20.86
N ASN A 98 -7.65 3.25 -22.11
CA ASN A 98 -6.32 3.67 -22.62
C ASN A 98 -5.98 5.06 -22.05
N VAL A 99 -6.96 5.94 -21.85
CA VAL A 99 -6.74 7.25 -21.17
C VAL A 99 -6.32 7.00 -19.72
N LEU A 100 -6.89 5.97 -19.08
CA LEU A 100 -6.58 5.64 -17.67
C LEU A 100 -5.16 5.10 -17.60
N LYS A 101 -4.83 4.12 -18.46
CA LYS A 101 -3.47 3.55 -18.64
C LYS A 101 -2.48 4.67 -18.97
N LYS A 102 -2.93 5.68 -19.75
CA LYS A 102 -2.10 6.85 -20.15
C LYS A 102 -1.79 7.67 -18.88
N ILE A 103 -2.83 8.09 -18.15
CA ILE A 103 -2.72 8.83 -16.87
C ILE A 103 -1.76 8.06 -15.94
N GLU A 104 -1.93 6.75 -15.82
CA GLU A 104 -1.09 5.87 -14.95
C GLU A 104 0.40 5.99 -15.30
N LYS A 105 0.77 5.78 -16.57
CA LYS A 105 2.17 5.90 -17.07
C LYS A 105 2.68 7.35 -16.95
N GLU A 106 1.85 8.33 -17.33
CA GLU A 106 2.18 9.77 -17.42
C GLU A 106 2.48 10.34 -16.01
N MET A 107 1.76 9.87 -14.98
CA MET A 107 2.02 10.25 -13.56
C MET A 107 3.25 9.49 -13.06
N GLY A 108 3.52 8.31 -13.63
CA GLY A 108 4.63 7.41 -13.28
C GLY A 108 5.99 7.90 -13.78
N ARG A 109 6.00 8.90 -14.67
CA ARG A 109 7.23 9.55 -15.19
C ARG A 109 7.03 11.08 -15.18
N PRO A 118 7.97 2.36 -8.66
CA PRO A 118 6.68 1.70 -8.77
C PRO A 118 5.60 2.70 -9.21
N ARG A 119 4.46 2.19 -9.69
CA ARG A 119 3.35 3.00 -10.27
C ARG A 119 2.51 3.61 -9.16
N PRO A 120 2.22 4.93 -9.23
CA PRO A 120 1.68 5.65 -8.08
C PRO A 120 0.19 5.41 -7.78
N LEU A 121 -0.58 5.26 -8.86
CA LEU A 121 -2.05 5.44 -8.91
C LEU A 121 -2.67 4.28 -9.71
N ASP A 122 -3.65 3.58 -9.15
CA ASP A 122 -4.49 2.59 -9.89
C ASP A 122 -5.81 3.27 -10.28
N LEU A 123 -6.13 3.30 -11.56
CA LEU A 123 -7.49 3.64 -12.06
C LEU A 123 -8.09 2.35 -12.64
N ASP A 124 -9.34 2.04 -12.28
CA ASP A 124 -10.10 0.84 -12.72
C ASP A 124 -11.49 1.29 -13.14
N ILE A 125 -11.97 0.80 -14.28
CA ILE A 125 -13.40 0.96 -14.69
C ILE A 125 -14.23 -0.05 -13.89
N LEU A 126 -15.15 0.48 -13.08
CA LEU A 126 -16.08 -0.34 -12.26
C LEU A 126 -17.34 -0.61 -13.06
N PHE A 127 -17.84 0.40 -13.76
CA PHE A 127 -19.09 0.32 -14.53
C PHE A 127 -18.93 1.14 -15.82
N TYR A 128 -19.44 0.60 -16.93
CA TYR A 128 -19.52 1.35 -18.21
C TYR A 128 -20.95 1.16 -18.68
N GLY A 129 -21.68 2.25 -18.95
CA GLY A 129 -23.05 2.19 -19.48
C GLY A 129 -23.94 1.28 -18.65
N LYS A 130 -24.78 0.43 -19.27
CA LYS A 130 -25.83 -0.33 -18.54
C LYS A 130 -25.55 -1.82 -18.49
N HIS A 131 -24.60 -2.34 -19.27
CA HIS A 131 -24.41 -3.81 -19.37
C HIS A 131 -22.97 -4.23 -19.08
N LYS A 132 -22.79 -5.49 -18.68
CA LYS A 132 -21.46 -6.12 -18.42
C LYS A 132 -20.64 -6.09 -19.73
N ILE A 133 -19.39 -5.63 -19.69
CA ILE A 133 -18.40 -5.76 -20.80
C ILE A 133 -17.43 -6.90 -20.44
N ILE A 134 -17.06 -7.73 -21.40
CA ILE A 134 -15.91 -8.68 -21.33
C ILE A 134 -15.01 -8.47 -22.56
N SER A 135 -13.68 -8.45 -22.35
CA SER A 135 -12.64 -8.41 -23.41
C SER A 135 -11.41 -9.16 -22.87
N ASP A 136 -10.27 -9.11 -23.57
CA ASP A 136 -9.03 -9.85 -23.21
C ASP A 136 -8.75 -9.61 -21.72
N LYS A 137 -8.61 -8.34 -21.34
CA LYS A 137 -8.56 -7.84 -19.93
C LYS A 137 -9.44 -6.58 -19.85
N LEU A 138 -10.74 -6.76 -19.61
CA LEU A 138 -11.71 -5.66 -19.37
C LEU A 138 -12.99 -6.26 -18.81
N ILE A 139 -12.97 -6.87 -17.63
CA ILE A 139 -14.20 -7.37 -16.98
C ILE A 139 -14.84 -6.18 -16.25
N ILE A 140 -15.94 -5.61 -16.77
CA ILE A 140 -16.60 -4.42 -16.16
C ILE A 140 -18.06 -4.73 -15.90
N PRO A 141 -18.61 -4.98 -14.69
CA PRO A 141 -17.96 -4.84 -13.39
C PRO A 141 -17.34 -6.18 -13.02
N HIS A 142 -16.09 -6.18 -12.55
CA HIS A 142 -15.37 -7.40 -12.11
C HIS A 142 -16.09 -7.95 -10.88
N GLU A 143 -16.11 -9.27 -10.68
CA GLU A 143 -16.78 -9.97 -9.55
C GLU A 143 -16.11 -9.67 -8.21
N ARG A 144 -14.85 -9.23 -8.23
CA ARG A 144 -14.00 -8.86 -7.06
C ARG A 144 -14.62 -7.66 -6.31
N ILE A 145 -15.36 -6.76 -6.97
CA ILE A 145 -15.81 -5.48 -6.37
C ILE A 145 -16.82 -5.74 -5.25
N TRP A 146 -17.52 -6.88 -5.23
CA TRP A 146 -18.54 -7.23 -4.19
C TRP A 146 -17.91 -7.88 -2.95
N GLU A 147 -16.58 -8.01 -2.89
CA GLU A 147 -15.84 -8.56 -1.72
C GLU A 147 -14.64 -7.66 -1.37
N ARG A 148 -14.65 -6.38 -1.79
CA ARG A 148 -13.57 -5.38 -1.53
C ARG A 148 -14.18 -4.12 -0.90
N PRO A 149 -14.11 -3.96 0.45
CA PRO A 149 -14.82 -2.86 1.10
C PRO A 149 -14.28 -1.51 0.60
N PHE A 150 -13.00 -1.47 0.25
CA PHE A 150 -12.33 -0.26 -0.25
C PHE A 150 -12.76 0.05 -1.69
N VAL A 151 -13.56 -0.81 -2.31
CA VAL A 151 -14.13 -0.53 -3.64
C VAL A 151 -15.61 -0.25 -3.43
N LEU A 152 -16.28 -1.07 -2.64
CA LEU A 152 -17.73 -1.02 -2.46
C LEU A 152 -18.14 0.22 -1.66
N ALA A 153 -17.55 0.49 -0.49
CA ALA A 153 -17.82 1.71 0.30
C ALA A 153 -17.79 2.94 -0.62
N PRO A 154 -16.68 3.32 -1.29
CA PRO A 154 -16.71 4.49 -2.16
C PRO A 154 -17.70 4.40 -3.33
N LEU A 155 -17.99 3.19 -3.84
CA LEU A 155 -18.97 2.98 -4.93
C LEU A 155 -20.36 3.42 -4.45
N VAL A 156 -20.77 2.93 -3.29
CA VAL A 156 -22.08 3.16 -2.64
C VAL A 156 -22.34 4.66 -2.50
N ASP A 157 -21.30 5.44 -2.16
CA ASP A 157 -21.34 6.92 -1.96
C ASP A 157 -21.75 7.68 -3.21
N LEU A 158 -21.53 7.12 -4.39
CA LEU A 158 -21.83 7.80 -5.67
C LEU A 158 -23.33 7.69 -5.98
N LEU A 159 -24.05 6.77 -5.31
CA LEU A 159 -25.46 6.40 -5.54
C LEU A 159 -26.40 6.98 -4.46
N GLY A 160 -27.59 7.45 -4.89
CA GLY A 160 -28.78 7.71 -4.05
C GLY A 160 -29.55 6.42 -3.73
N THR A 161 -30.38 6.36 -2.67
CA THR A 161 -31.21 5.18 -2.31
C THR A 161 -32.60 5.28 -2.98
N GLU A 162 -33.04 6.50 -3.28
CA GLU A 162 -34.30 6.80 -4.02
C GLU A 162 -33.84 7.59 -5.23
N ASP A 163 -34.40 8.78 -5.55
CA ASP A 163 -33.99 9.61 -6.72
C ASP A 163 -34.03 8.81 -8.04
N ILE A 164 -34.90 7.80 -8.14
CA ILE A 164 -34.95 6.89 -9.33
C ILE A 164 -35.36 7.72 -10.54
N ASP A 165 -36.23 8.70 -10.31
CA ASP A 165 -36.71 9.73 -11.26
C ASP A 165 -35.57 10.32 -12.10
N ASN A 166 -34.48 10.74 -11.45
CA ASN A 166 -33.35 11.48 -12.08
C ASN A 166 -32.10 10.60 -12.22
N ASP A 167 -32.10 9.38 -11.66
CA ASP A 167 -30.95 8.44 -11.69
C ASP A 167 -31.41 7.14 -12.33
N LYS A 168 -31.50 7.14 -13.66
CA LYS A 168 -32.05 6.01 -14.45
C LYS A 168 -31.03 4.88 -14.49
N ILE A 169 -29.75 5.21 -14.68
CA ILE A 169 -28.66 4.23 -14.96
C ILE A 169 -28.38 3.35 -13.75
N VAL A 170 -28.69 3.79 -12.54
CA VAL A 170 -28.32 3.10 -11.27
C VAL A 170 -29.06 1.78 -11.16
N ALA A 171 -30.32 1.72 -11.59
CA ALA A 171 -31.14 0.49 -11.47
C ALA A 171 -30.40 -0.67 -12.15
N TYR A 172 -29.71 -0.38 -13.27
CA TYR A 172 -28.95 -1.36 -14.07
C TYR A 172 -27.72 -1.85 -13.29
N TRP A 173 -26.90 -0.89 -12.81
CA TRP A 173 -25.71 -1.19 -11.96
C TRP A 173 -26.13 -2.13 -10.84
N HIS A 174 -27.26 -1.84 -10.19
CA HIS A 174 -27.78 -2.66 -9.07
C HIS A 174 -27.94 -4.10 -9.54
N SER A 175 -28.51 -4.29 -10.74
CA SER A 175 -28.84 -5.62 -11.33
C SER A 175 -27.57 -6.38 -11.76
N LEU A 176 -26.43 -5.73 -11.90
CA LEU A 176 -25.14 -6.37 -12.26
C LEU A 176 -24.50 -7.02 -11.02
N SER A 177 -25.03 -6.79 -9.83
CA SER A 177 -24.59 -7.46 -8.56
C SER A 177 -24.69 -8.97 -8.74
N MET A 178 -23.74 -9.72 -8.18
CA MET A 178 -23.64 -11.18 -8.39
C MET A 178 -24.74 -11.95 -7.62
N HIS A 179 -25.19 -11.48 -6.45
CA HIS A 179 -26.15 -12.23 -5.59
C HIS A 179 -27.45 -11.47 -5.38
N SER A 180 -27.79 -10.49 -6.24
CA SER A 180 -29.05 -9.68 -6.23
C SER A 180 -29.17 -8.75 -5.02
N GLY A 181 -30.28 -8.02 -4.91
CA GLY A 181 -30.55 -7.08 -3.80
C GLY A 181 -29.84 -5.75 -4.01
N GLY A 182 -29.21 -5.55 -5.18
CA GLY A 182 -28.44 -4.35 -5.55
C GLY A 182 -27.06 -4.32 -4.90
N ILE A 183 -26.33 -3.27 -5.24
CA ILE A 183 -25.02 -2.86 -4.67
C ILE A 183 -25.17 -2.73 -3.15
N PHE A 184 -26.26 -2.10 -2.70
CA PHE A 184 -26.53 -1.82 -1.27
C PHE A 184 -26.52 -3.11 -0.45
N GLN A 185 -27.03 -4.21 -0.98
CA GLN A 185 -27.07 -5.46 -0.16
C GLN A 185 -25.72 -6.19 -0.24
N ALA A 186 -24.90 -5.91 -1.25
CA ALA A 186 -23.54 -6.49 -1.40
C ALA A 186 -22.67 -5.93 -0.27
N TRP A 187 -22.69 -4.59 -0.13
CA TRP A 187 -22.11 -3.80 1.00
C TRP A 187 -22.55 -4.43 2.32
N GLU A 188 -23.86 -4.51 2.56
CA GLU A 188 -24.45 -5.07 3.82
C GLU A 188 -23.86 -6.45 4.10
N ARG A 189 -23.70 -7.26 3.05
CA ARG A 189 -23.20 -8.66 3.15
C ARG A 189 -21.77 -8.59 3.71
N LEU A 190 -20.96 -7.64 3.22
CA LEU A 190 -19.53 -7.44 3.62
C LEU A 190 -19.42 -6.93 5.08
N GLY A 191 -20.48 -6.33 5.62
CA GLY A 191 -20.47 -5.69 6.95
C GLY A 191 -21.06 -4.29 6.98
N GLY A 192 -21.32 -3.67 5.82
CA GLY A 192 -21.83 -2.29 5.68
C GLY A 192 -21.01 -1.27 6.47
N GLU A 193 -21.69 -0.35 7.14
CA GLU A 193 -21.04 0.71 7.95
C GLU A 193 -20.31 0.12 9.16
N SER A 194 -20.73 -1.04 9.69
CA SER A 194 -20.03 -1.74 10.80
C SER A 194 -18.52 -1.83 10.54
N LEU A 195 -18.10 -1.84 9.26
CA LEU A 195 -16.68 -2.00 8.88
C LEU A 195 -15.85 -0.76 9.24
N LEU A 196 -16.47 0.42 9.35
CA LEU A 196 -15.78 1.69 9.66
C LEU A 196 -15.96 1.99 11.15
N GLY A 197 -14.88 2.35 11.85
CA GLY A 197 -14.98 2.76 13.26
C GLY A 197 -13.97 2.02 14.12
N LYS A 198 -14.24 1.96 15.42
CA LYS A 198 -13.36 1.29 16.42
C LYS A 198 -13.17 -0.17 16.00
N ASP A 199 -11.91 -0.61 15.88
CA ASP A 199 -11.56 -1.92 15.27
C ASP A 199 -12.21 -1.98 13.88
N GLY A 200 -11.93 -0.99 13.03
CA GLY A 200 -12.38 -0.95 11.62
C GLY A 200 -11.28 -1.40 10.69
N ILE A 201 -11.63 -1.98 9.53
CA ILE A 201 -10.66 -2.37 8.46
C ILE A 201 -10.23 -1.10 7.73
N ILE A 202 -11.04 -0.05 7.81
CA ILE A 202 -11.07 1.08 6.82
C ILE A 202 -11.80 2.26 7.46
N GLN A 203 -11.42 3.49 7.12
CA GLN A 203 -11.91 4.69 7.84
C GLN A 203 -12.22 5.77 6.81
N ARG A 204 -13.33 6.45 6.98
CA ARG A 204 -13.66 7.63 6.17
C ARG A 204 -12.76 8.78 6.66
N VAL A 205 -12.03 9.46 5.76
CA VAL A 205 -11.05 10.48 6.15
C VAL A 205 -11.26 11.69 5.27
N ILE A 206 -10.98 12.86 5.82
CA ILE A 206 -11.05 14.18 5.17
C ILE A 206 -9.61 14.63 5.06
N PRO A 207 -9.16 15.07 3.87
CA PRO A 207 -7.76 15.45 3.70
C PRO A 207 -7.62 16.94 4.03
N ILE A 208 -6.69 17.27 4.92
CA ILE A 208 -6.35 18.69 5.23
C ILE A 208 -4.84 18.87 5.06
N GLY A 209 -4.44 19.60 4.01
CA GLY A 209 -3.07 19.69 3.50
C GLY A 209 -2.42 18.31 3.38
N ASP A 210 -1.53 17.97 4.31
CA ASP A 210 -0.64 16.78 4.29
C ASP A 210 -1.09 15.71 5.30
N HIS A 211 -2.21 15.93 6.00
CA HIS A 211 -2.73 14.96 7.00
C HIS A 211 -4.12 14.48 6.55
N LEU A 212 -4.58 13.39 7.17
CA LEU A 212 -5.93 12.83 6.99
C LEU A 212 -6.62 12.86 8.35
N TRP A 213 -7.82 13.44 8.44
CA TRP A 213 -8.52 13.54 9.74
C TRP A 213 -9.76 12.65 9.69
N ASP A 214 -9.95 11.79 10.70
CA ASP A 214 -11.13 10.92 10.83
C ASP A 214 -12.12 11.62 11.77
N PHE A 215 -12.96 12.50 11.22
CA PHE A 215 -13.92 13.33 11.99
C PHE A 215 -15.02 12.46 12.61
N SER A 216 -14.97 11.15 12.45
CA SER A 216 -15.97 10.26 13.08
C SER A 216 -15.38 9.54 14.30
N LYS A 217 -14.06 9.60 14.54
CA LYS A 217 -13.45 8.68 15.54
C LYS A 217 -13.75 9.19 16.95
N LYS A 218 -13.89 10.51 17.12
CA LYS A 218 -14.32 11.20 18.37
C LYS A 218 -15.07 12.49 17.98
N THR A 219 -15.61 13.22 18.97
CA THR A 219 -16.25 14.54 18.74
C THR A 219 -15.18 15.64 18.79
N TYR A 220 -15.04 16.44 17.73
CA TYR A 220 -14.07 17.54 17.62
C TYR A 220 -14.76 18.81 18.11
N VAL A 221 -14.09 19.61 18.96
CA VAL A 221 -14.70 20.84 19.55
C VAL A 221 -14.02 22.06 18.93
N MET A 222 -14.83 22.90 18.30
CA MET A 222 -14.41 24.11 17.58
C MET A 222 -14.81 25.28 18.50
N GLY A 223 -13.84 26.06 18.96
CA GLY A 223 -14.02 27.19 19.89
C GLY A 223 -14.17 28.45 19.11
N ILE A 224 -15.14 29.32 19.47
CA ILE A 224 -15.37 30.63 18.80
C ILE A 224 -14.37 31.67 19.34
N LEU A 225 -13.67 32.34 18.43
CA LEU A 225 -12.85 33.53 18.67
C LEU A 225 -13.44 34.64 17.80
N ASN A 226 -14.31 35.50 18.38
CA ASN A 226 -14.98 36.60 17.62
C ASN A 226 -14.15 37.87 17.81
N LEU A 227 -14.10 38.70 16.75
CA LEU A 227 -13.16 39.87 16.62
C LEU A 227 -13.90 41.20 16.84
N THR A 228 -15.23 41.21 17.05
CA THR A 228 -16.04 42.41 17.39
C THR A 228 -16.87 42.18 18.66
N PRO A 229 -16.26 42.21 19.88
CA PRO A 229 -16.99 42.28 21.14
C PRO A 229 -17.08 43.70 21.71
N SER A 240 -6.05 43.86 21.58
CA SER A 240 -6.72 43.13 20.48
C SER A 240 -5.93 41.87 20.11
N VAL A 241 -4.78 41.99 19.43
CA VAL A 241 -3.95 40.81 18.98
C VAL A 241 -3.53 40.01 20.22
N ASP A 242 -3.19 40.69 21.31
CA ASP A 242 -2.65 40.06 22.54
C ASP A 242 -3.79 39.35 23.29
N THR A 243 -5.01 39.92 23.26
CA THR A 243 -6.24 39.29 23.84
C THR A 243 -6.57 38.02 23.06
N ALA A 244 -6.62 38.11 21.71
CA ALA A 244 -6.83 36.98 20.78
C ALA A 244 -5.90 35.84 21.17
N VAL A 245 -4.60 36.09 21.33
CA VAL A 245 -3.65 34.98 21.58
C VAL A 245 -3.94 34.35 22.94
N SER A 246 -4.31 35.14 23.92
CA SER A 246 -4.55 34.63 25.31
C SER A 246 -5.90 33.89 25.35
N ARG A 247 -6.89 34.35 24.57
CA ARG A 247 -8.16 33.62 24.37
C ARG A 247 -7.81 32.21 23.84
N VAL A 248 -7.06 32.16 22.75
CA VAL A 248 -6.68 30.89 22.07
C VAL A 248 -5.92 30.03 23.08
N ARG A 249 -4.98 30.61 23.79
CA ARG A 249 -4.12 29.83 24.73
C ARG A 249 -5.03 29.13 25.74
N SER A 250 -6.13 29.79 26.10
CA SER A 250 -7.12 29.34 27.13
C SER A 250 -7.96 28.22 26.57
N MET A 251 -8.45 28.40 25.33
CA MET A 251 -9.23 27.38 24.57
C MET A 251 -8.38 26.11 24.51
N ILE A 252 -7.09 26.24 24.24
CA ILE A 252 -6.18 25.09 24.05
C ILE A 252 -6.01 24.33 25.37
N SER A 253 -5.97 25.01 26.50
CA SER A 253 -5.79 24.34 27.82
C SER A 253 -7.14 23.78 28.28
N GLU A 254 -8.24 24.25 27.69
CA GLU A 254 -9.63 23.82 27.98
C GLU A 254 -9.99 22.58 27.16
N GLY A 255 -9.16 22.17 26.21
CA GLY A 255 -9.32 20.93 25.44
C GLY A 255 -9.72 21.16 23.99
N VAL A 256 -9.74 22.40 23.49
CA VAL A 256 -10.26 22.70 22.13
C VAL A 256 -9.44 21.96 21.07
N ASP A 257 -10.05 21.76 19.89
CA ASP A 257 -9.49 21.02 18.72
C ASP A 257 -9.30 22.01 17.57
N ILE A 258 -10.28 22.90 17.36
CA ILE A 258 -10.30 23.78 16.16
C ILE A 258 -10.65 25.19 16.65
N ILE A 259 -10.01 26.20 16.07
CA ILE A 259 -10.25 27.62 16.38
C ILE A 259 -11.02 28.22 15.21
N ASP A 260 -12.22 28.71 15.47
CA ASP A 260 -13.10 29.40 14.49
C ASP A 260 -12.87 30.91 14.66
N ILE A 261 -12.21 31.54 13.69
CA ILE A 261 -11.97 33.01 13.68
C ILE A 261 -12.94 33.65 12.66
N GLY A 262 -13.85 34.52 13.12
CA GLY A 262 -14.91 35.12 12.29
C GLY A 262 -15.12 36.59 12.65
N ALA A 263 -15.21 37.46 11.63
CA ALA A 263 -15.08 38.93 11.72
C ALA A 263 -16.42 39.65 11.52
N ILE A 273 -20.66 44.58 6.28
CA ILE A 273 -19.27 44.04 6.09
C ILE A 273 -18.74 44.47 4.71
N SER A 274 -17.42 44.65 4.59
CA SER A 274 -16.70 45.17 3.40
C SER A 274 -15.38 44.43 3.19
N SER A 275 -15.05 44.12 1.94
CA SER A 275 -14.06 43.08 1.55
C SER A 275 -12.70 43.36 2.20
N GLN A 276 -12.35 44.62 2.44
CA GLN A 276 -11.02 45.03 2.97
C GLN A 276 -11.07 45.20 4.49
N GLU A 277 -12.12 45.83 4.99
CA GLU A 277 -12.36 45.94 6.46
C GLU A 277 -12.07 44.57 7.08
N GLU A 278 -12.65 43.51 6.50
CA GLU A 278 -12.64 42.08 6.97
C GLU A 278 -11.24 41.47 6.88
N ILE A 279 -10.48 41.79 5.82
CA ILE A 279 -9.07 41.31 5.62
C ILE A 279 -8.23 41.91 6.74
N ASP A 280 -8.50 43.18 7.04
CA ASP A 280 -7.71 44.06 7.94
C ASP A 280 -7.85 43.54 9.38
N ARG A 281 -9.03 43.03 9.74
CA ARG A 281 -9.38 42.48 11.09
C ARG A 281 -8.93 41.03 11.23
N LEU A 282 -9.17 40.21 10.20
CA LEU A 282 -8.92 38.75 10.27
C LEU A 282 -7.43 38.44 10.11
N ILE A 283 -6.86 38.70 8.93
CA ILE A 283 -5.50 38.22 8.54
C ILE A 283 -4.45 38.50 9.62
N PRO A 284 -4.37 39.67 10.30
CA PRO A 284 -3.32 39.85 11.30
C PRO A 284 -3.40 38.79 12.40
N VAL A 285 -4.55 38.59 13.00
CA VAL A 285 -4.71 37.61 14.12
C VAL A 285 -4.58 36.21 13.54
N LEU A 286 -5.02 35.97 12.31
CA LEU A 286 -4.85 34.67 11.63
C LEU A 286 -3.37 34.29 11.65
N LYS A 287 -2.51 35.22 11.25
CA LYS A 287 -1.04 35.06 11.17
C LYS A 287 -0.50 34.68 12.55
N VAL A 288 -0.87 35.44 13.58
CA VAL A 288 -0.35 35.26 14.97
C VAL A 288 -0.78 33.90 15.49
N VAL A 289 -2.09 33.65 15.54
CA VAL A 289 -2.70 32.39 16.04
C VAL A 289 -1.98 31.21 15.35
N ARG A 290 -1.78 31.27 14.03
CA ARG A 290 -1.15 30.20 13.21
C ARG A 290 0.29 29.93 13.64
N GLY A 291 1.00 30.95 14.12
CA GLY A 291 2.40 30.84 14.54
C GLY A 291 2.55 30.34 15.96
N MET A 292 1.49 30.40 16.78
CA MET A 292 1.55 30.02 18.22
C MET A 292 2.09 28.61 18.37
N ALA A 293 2.98 28.38 19.32
CA ALA A 293 3.58 27.06 19.59
C ALA A 293 2.49 26.11 20.07
N GLU A 294 1.52 26.65 20.84
CA GLU A 294 0.36 25.95 21.46
C GLU A 294 -0.59 25.40 20.40
N MET A 295 -0.57 26.00 19.20
CA MET A 295 -1.43 25.69 18.03
C MET A 295 -0.77 24.69 17.09
N LYS A 296 0.23 23.91 17.51
CA LYS A 296 0.85 22.92 16.60
C LYS A 296 -0.05 21.66 16.56
N GLY A 297 -0.46 21.23 15.35
CA GLY A 297 -1.39 20.11 15.16
C GLY A 297 -2.84 20.44 15.53
N LYS A 298 -3.16 21.74 15.66
CA LYS A 298 -4.55 22.25 15.81
C LYS A 298 -4.99 22.92 14.50
N LEU A 299 -6.29 22.86 14.22
CA LEU A 299 -6.86 23.42 12.98
C LEU A 299 -7.39 24.82 13.26
N ILE A 300 -7.46 25.62 12.22
CA ILE A 300 -8.16 26.93 12.22
C ILE A 300 -9.19 26.95 11.09
N SER A 301 -10.48 27.06 11.41
CA SER A 301 -11.52 27.38 10.41
C SER A 301 -11.59 28.90 10.33
N VAL A 302 -11.99 29.47 9.19
CA VAL A 302 -12.36 30.91 9.13
C VAL A 302 -13.73 31.05 8.47
N ASP A 303 -14.57 31.92 9.05
CA ASP A 303 -15.99 32.15 8.68
C ASP A 303 -16.06 33.41 7.81
N THR A 304 -16.20 33.23 6.50
CA THR A 304 -16.42 34.34 5.53
C THR A 304 -17.30 33.91 4.34
N PHE A 305 -17.94 34.88 3.66
CA PHE A 305 -18.67 34.72 2.38
C PHE A 305 -17.94 35.45 1.23
N ASN A 306 -16.83 36.16 1.54
CA ASN A 306 -16.08 37.05 0.61
C ASN A 306 -14.86 36.30 0.04
N SER A 307 -14.98 35.78 -1.18
CA SER A 307 -13.93 34.99 -1.89
C SER A 307 -12.54 35.58 -1.64
N GLU A 308 -12.43 36.91 -1.65
CA GLU A 308 -11.11 37.58 -1.52
C GLU A 308 -10.58 37.34 -0.10
N VAL A 309 -11.47 37.28 0.90
CA VAL A 309 -11.08 37.00 2.32
C VAL A 309 -10.68 35.53 2.42
N ALA A 310 -11.48 34.66 1.80
CA ALA A 310 -11.20 33.23 1.66
C ALA A 310 -9.77 33.02 1.15
N LEU A 311 -9.46 33.54 -0.05
CA LEU A 311 -8.15 33.36 -0.71
C LEU A 311 -7.03 33.80 0.25
N GLU A 312 -7.20 34.98 0.86
CA GLU A 312 -6.16 35.61 1.72
C GLU A 312 -5.97 34.76 2.99
N ALA A 313 -7.07 34.22 3.52
CA ALA A 313 -7.10 33.37 4.72
C ALA A 313 -6.44 32.02 4.43
N ILE A 314 -6.82 31.38 3.33
CA ILE A 314 -6.17 30.10 2.91
C ILE A 314 -4.66 30.36 2.86
N ARG A 315 -4.25 31.39 2.12
CA ARG A 315 -2.83 31.76 1.88
C ARG A 315 -2.11 31.98 3.21
N ASN A 316 -2.83 32.41 4.25
CA ASN A 316 -2.22 32.81 5.56
C ASN A 316 -2.43 31.76 6.66
N GLY A 317 -2.93 30.57 6.32
CA GLY A 317 -2.83 29.36 7.17
C GLY A 317 -4.16 28.86 7.68
N ALA A 318 -5.27 29.38 7.15
CA ALA A 318 -6.63 28.84 7.40
C ALA A 318 -6.69 27.40 6.88
N ASP A 319 -7.07 26.46 7.74
CA ASP A 319 -7.15 25.02 7.42
C ASP A 319 -8.53 24.70 6.84
N ILE A 320 -9.59 25.21 7.44
CA ILE A 320 -10.97 24.92 6.96
C ILE A 320 -11.59 26.24 6.56
N LEU A 321 -12.33 26.28 5.46
CA LEU A 321 -12.99 27.51 4.98
C LEU A 321 -14.49 27.31 5.21
N ASN A 322 -15.13 28.16 6.02
CA ASN A 322 -16.56 27.99 6.36
C ASN A 322 -17.41 29.05 5.66
N ASP A 323 -18.08 28.71 4.56
CA ASP A 323 -18.94 29.65 3.78
C ASP A 323 -20.34 29.66 4.39
N VAL A 324 -21.03 30.79 4.31
CA VAL A 324 -22.40 30.96 4.86
C VAL A 324 -23.23 31.73 3.83
N SER A 325 -23.96 31.06 2.93
CA SER A 325 -24.69 31.77 1.84
C SER A 325 -25.76 30.89 1.19
N ASP A 330 -21.76 34.44 -4.48
CA ASP A 330 -20.42 34.78 -5.04
C ASP A 330 -19.84 33.55 -5.76
N GLU A 331 -19.71 33.61 -7.10
CA GLU A 331 -19.30 32.47 -7.98
C GLU A 331 -17.77 32.38 -8.04
N ASN A 332 -17.09 33.44 -7.56
CA ASN A 332 -15.61 33.47 -7.42
C ASN A 332 -15.19 32.48 -6.33
N MET A 333 -16.03 32.28 -5.31
CA MET A 333 -15.78 31.44 -4.12
C MET A 333 -15.47 30.00 -4.54
N HIS A 334 -16.33 29.39 -5.38
CA HIS A 334 -16.15 27.99 -5.84
C HIS A 334 -14.76 27.83 -6.47
N LYS A 335 -14.25 28.87 -7.16
CA LYS A 335 -12.94 28.87 -7.84
C LYS A 335 -11.78 28.91 -6.83
N VAL A 336 -11.87 29.80 -5.83
CA VAL A 336 -10.85 29.92 -4.73
C VAL A 336 -10.67 28.55 -4.07
N VAL A 337 -11.79 27.93 -3.69
CA VAL A 337 -11.84 26.65 -2.93
C VAL A 337 -11.39 25.49 -3.81
N ALA A 338 -11.53 25.63 -5.13
CA ALA A 338 -11.16 24.58 -6.10
C ALA A 338 -9.63 24.51 -6.24
N ASP A 339 -8.93 25.63 -6.40
CA ASP A 339 -7.46 25.64 -6.56
C ASP A 339 -6.80 25.13 -5.29
N SER A 340 -7.41 25.43 -4.15
CA SER A 340 -6.90 25.09 -2.79
C SER A 340 -7.14 23.63 -2.46
N ASP A 341 -6.55 23.15 -1.37
CA ASP A 341 -6.72 21.77 -0.88
C ASP A 341 -7.43 21.80 0.47
N VAL A 342 -8.27 22.81 0.67
CA VAL A 342 -8.88 23.07 2.00
C VAL A 342 -10.29 22.50 2.02
N PRO A 343 -10.69 21.85 3.13
CA PRO A 343 -12.07 21.43 3.34
C PRO A 343 -13.00 22.64 3.18
N TYR A 344 -14.18 22.39 2.65
CA TYR A 344 -15.19 23.42 2.32
C TYR A 344 -16.44 23.10 3.13
N MET A 345 -16.65 23.78 4.26
CA MET A 345 -17.87 23.60 5.09
C MET A 345 -18.99 24.46 4.50
N ILE A 346 -20.16 23.88 4.17
CA ILE A 346 -21.32 24.68 3.67
C ILE A 346 -22.45 24.66 4.69
N MET A 347 -23.06 25.83 4.86
CA MET A 347 -24.18 26.11 5.80
C MET A 347 -25.50 26.06 5.01
N HIS A 348 -26.58 25.62 5.66
CA HIS A 348 -27.95 25.57 5.09
C HIS A 348 -28.57 26.96 5.20
N MET A 349 -29.41 27.35 4.22
CA MET A 349 -30.17 28.63 4.20
C MET A 349 -31.64 28.34 4.54
N GLU A 366 -41.30 17.97 6.82
CA GLU A 366 -40.63 18.50 5.60
C GLU A 366 -39.33 19.25 5.93
N ILE A 367 -39.00 19.56 7.21
CA ILE A 367 -37.73 20.25 7.63
C ILE A 367 -36.51 19.39 7.26
N CYS A 368 -36.52 18.10 7.60
CA CYS A 368 -35.41 17.18 7.26
C CYS A 368 -35.22 17.22 5.74
N LYS A 369 -36.27 16.91 4.98
CA LYS A 369 -36.25 16.83 3.50
C LYS A 369 -35.74 18.17 2.93
N ASP A 370 -36.29 19.31 3.40
CA ASP A 370 -35.94 20.68 2.95
C ASP A 370 -34.44 20.89 3.10
N VAL A 371 -33.90 20.64 4.29
CA VAL A 371 -32.46 20.84 4.64
C VAL A 371 -31.60 19.91 3.78
N ALA A 372 -31.95 18.62 3.70
CA ALA A 372 -31.23 17.61 2.90
C ALA A 372 -31.07 18.10 1.46
N THR A 373 -32.18 18.18 0.73
CA THR A 373 -32.23 18.61 -0.69
C THR A 373 -31.54 19.98 -0.85
N GLU A 374 -31.86 20.96 0.01
CA GLU A 374 -31.26 22.31 -0.09
C GLU A 374 -29.74 22.16 -0.12
N LEU A 375 -29.21 21.35 0.81
CA LEU A 375 -27.77 21.07 0.98
C LEU A 375 -27.31 20.32 -0.26
N TYR A 376 -28.01 19.27 -0.66
CA TYR A 376 -27.62 18.43 -1.81
C TYR A 376 -27.39 19.33 -3.03
N GLU A 377 -28.43 20.08 -3.46
CA GLU A 377 -28.37 20.98 -4.64
C GLU A 377 -27.02 21.71 -4.62
N ARG A 378 -26.63 22.25 -3.46
CA ARG A 378 -25.41 23.11 -3.30
C ARG A 378 -24.13 22.26 -3.37
N VAL A 379 -24.19 20.99 -2.98
CA VAL A 379 -23.01 20.07 -3.04
C VAL A 379 -22.85 19.60 -4.50
N ARG A 380 -23.95 19.22 -5.15
CA ARG A 380 -23.92 18.91 -6.61
C ARG A 380 -23.24 20.08 -7.35
N GLU A 381 -23.72 21.32 -7.13
CA GLU A 381 -23.12 22.54 -7.75
C GLU A 381 -21.60 22.50 -7.51
N ALA A 382 -21.18 22.24 -6.28
CA ALA A 382 -19.78 22.39 -5.81
C ALA A 382 -18.90 21.31 -6.45
N GLU A 383 -19.41 20.07 -6.52
CA GLU A 383 -18.71 18.94 -7.19
C GLU A 383 -18.49 19.33 -8.66
N LEU A 384 -19.53 19.76 -9.36
CA LEU A 384 -19.48 20.08 -10.80
C LEU A 384 -18.42 21.14 -11.08
N SER A 385 -18.26 22.11 -10.17
CA SER A 385 -17.24 23.20 -10.29
C SER A 385 -15.86 22.77 -9.74
N GLY A 386 -15.64 21.45 -9.62
CA GLY A 386 -14.33 20.84 -9.32
C GLY A 386 -14.02 20.71 -7.84
N ILE A 387 -15.01 20.70 -6.96
CA ILE A 387 -14.76 20.55 -5.49
C ILE A 387 -15.26 19.17 -5.08
N PRO A 388 -14.40 18.16 -4.88
CA PRO A 388 -14.88 16.85 -4.50
C PRO A 388 -15.67 16.85 -3.19
N ALA A 389 -16.60 15.90 -3.06
CA ALA A 389 -17.47 15.70 -1.88
C ALA A 389 -16.63 15.22 -0.69
N TRP A 390 -15.48 14.62 -0.92
CA TRP A 390 -14.63 14.06 0.16
C TRP A 390 -14.00 15.15 1.04
N ARG A 391 -14.01 16.43 0.62
CA ARG A 391 -13.51 17.52 1.49
C ARG A 391 -14.63 18.57 1.65
N ILE A 392 -15.87 18.12 1.66
CA ILE A 392 -17.06 18.99 1.89
C ILE A 392 -17.66 18.58 3.23
N MET A 393 -17.98 19.56 4.10
CA MET A 393 -18.50 19.31 5.47
C MET A 393 -19.79 20.10 5.60
N ILE A 394 -20.71 19.67 6.48
CA ILE A 394 -22.11 20.16 6.51
C ILE A 394 -22.40 20.82 7.86
N ASP A 395 -23.01 22.01 7.84
CA ASP A 395 -23.66 22.65 9.02
C ASP A 395 -25.12 22.87 8.67
N PRO A 396 -26.07 22.19 9.33
CA PRO A 396 -27.48 22.41 9.05
C PRO A 396 -28.04 23.77 9.50
N GLY A 397 -27.22 24.58 10.17
CA GLY A 397 -27.53 26.01 10.40
C GLY A 397 -28.56 26.23 11.50
N ILE A 398 -28.40 25.53 12.63
CA ILE A 398 -29.17 25.79 13.89
C ILE A 398 -29.06 27.26 14.23
N GLY A 399 -30.17 27.83 14.73
CA GLY A 399 -30.26 29.17 15.32
C GLY A 399 -30.08 30.27 14.28
N PHE A 400 -30.38 29.99 13.01
CA PHE A 400 -30.67 31.01 11.98
C PHE A 400 -32.18 31.03 11.72
N SER A 401 -32.86 29.90 11.93
CA SER A 401 -34.34 29.74 11.84
C SER A 401 -35.01 30.58 12.93
N LYS A 402 -35.90 31.51 12.56
CA LYS A 402 -36.58 32.40 13.54
C LYS A 402 -37.75 31.66 14.17
N GLY A 403 -37.45 30.74 15.09
CA GLY A 403 -38.45 29.89 15.78
C GLY A 403 -37.78 28.76 16.52
N ILE A 404 -38.41 28.27 17.58
CA ILE A 404 -37.90 27.18 18.45
C ILE A 404 -38.00 25.85 17.69
N ASP A 405 -39.21 25.41 17.29
CA ASP A 405 -39.50 24.01 16.85
C ASP A 405 -38.51 23.52 15.79
N HIS A 406 -38.11 24.37 14.84
CA HIS A 406 -37.20 23.98 13.73
C HIS A 406 -35.80 23.64 14.25
N ASN A 407 -35.31 24.37 15.23
CA ASN A 407 -33.95 24.18 15.79
C ASN A 407 -33.88 22.86 16.55
N LEU A 408 -34.91 22.53 17.30
CA LEU A 408 -35.02 21.28 18.09
C LEU A 408 -35.02 20.11 17.12
N ASP A 409 -35.71 20.27 16.00
CA ASP A 409 -35.84 19.23 14.96
C ASP A 409 -34.45 18.92 14.43
N ILE A 410 -33.72 19.92 13.95
CA ILE A 410 -32.36 19.74 13.38
C ILE A 410 -31.51 18.92 14.34
N VAL A 411 -31.57 19.20 15.62
CA VAL A 411 -30.71 18.52 16.62
C VAL A 411 -31.21 17.08 16.77
N MET A 412 -32.49 16.91 17.08
CA MET A 412 -33.10 15.59 17.38
C MET A 412 -33.31 14.69 16.15
N GLU A 413 -33.32 15.25 14.94
CA GLU A 413 -33.62 14.49 13.71
C GLU A 413 -32.40 14.52 12.79
N LEU A 414 -31.21 14.55 13.33
CA LEU A 414 -29.96 14.56 12.54
C LEU A 414 -29.87 13.25 11.74
N PRO A 415 -30.17 12.06 12.29
CA PRO A 415 -30.11 10.84 11.50
C PRO A 415 -31.12 10.85 10.35
N LYS A 416 -32.29 11.45 10.56
CA LYS A 416 -33.37 11.56 9.56
C LYS A 416 -32.90 12.48 8.43
N ILE A 417 -32.18 13.56 8.75
CA ILE A 417 -31.62 14.48 7.72
C ILE A 417 -30.66 13.66 6.85
N ARG A 418 -29.99 12.67 7.43
CA ARG A 418 -28.95 11.88 6.72
C ARG A 418 -29.63 10.90 5.77
N GLU A 419 -30.67 10.15 6.22
CA GLU A 419 -31.56 9.38 5.32
C GLU A 419 -31.98 10.25 4.14
N GLU A 420 -32.50 11.45 4.37
CA GLU A 420 -33.01 12.33 3.29
C GLU A 420 -31.87 12.70 2.34
N MET A 421 -30.68 12.94 2.89
CA MET A 421 -29.45 13.20 2.09
C MET A 421 -29.12 11.90 1.34
N ALA A 422 -29.19 10.75 2.00
CA ALA A 422 -28.81 9.44 1.43
C ALA A 422 -29.64 9.17 0.17
N LYS A 423 -30.88 9.67 0.13
CA LYS A 423 -31.85 9.44 -0.98
C LYS A 423 -31.26 10.05 -2.26
N LYS A 424 -30.64 11.23 -2.18
CA LYS A 424 -29.96 11.87 -3.34
C LYS A 424 -28.48 11.43 -3.43
N SER A 425 -27.79 11.28 -2.30
CA SER A 425 -26.34 10.95 -2.24
C SER A 425 -25.95 10.31 -0.90
N ILE A 426 -25.58 9.04 -0.91
CA ILE A 426 -25.12 8.35 0.33
C ILE A 426 -23.81 8.96 0.82
N GLY A 427 -22.97 9.43 -0.10
CA GLY A 427 -21.71 10.08 0.25
C GLY A 427 -21.97 11.24 1.20
N LEU A 428 -22.95 12.09 0.85
CA LEU A 428 -23.29 13.32 1.62
C LEU A 428 -23.87 12.90 2.98
N SER A 429 -24.54 11.76 3.03
CA SER A 429 -25.08 11.15 4.27
C SER A 429 -23.94 10.80 5.23
N HIS A 430 -22.73 10.65 4.75
CA HIS A 430 -21.55 10.28 5.57
C HIS A 430 -20.61 11.46 5.80
N ALA A 431 -20.84 12.60 5.13
CA ALA A 431 -20.09 13.85 5.32
C ALA A 431 -20.17 14.29 6.77
N PRO A 432 -19.09 14.81 7.38
CA PRO A 432 -19.10 15.19 8.79
C PRO A 432 -20.04 16.38 8.97
N ILE A 433 -20.72 16.41 10.11
CA ILE A 433 -21.77 17.41 10.40
C ILE A 433 -21.36 18.25 11.60
N LEU A 434 -21.27 19.58 11.44
CA LEU A 434 -20.95 20.52 12.55
C LEU A 434 -22.25 21.19 12.99
N ILE A 435 -22.56 21.21 14.29
CA ILE A 435 -23.75 21.94 14.81
C ILE A 435 -23.22 23.11 15.66
N GLY A 436 -23.86 24.29 15.63
CA GLY A 436 -23.53 25.51 16.41
C GLY A 436 -24.77 26.03 17.13
N PRO A 437 -25.19 25.35 18.22
CA PRO A 437 -26.31 25.78 19.02
C PRO A 437 -25.93 26.81 20.10
N SER A 438 -24.63 27.07 20.26
CA SER A 438 -24.07 27.69 21.49
C SER A 438 -24.74 29.05 21.74
N ARG A 439 -25.47 29.13 22.85
CA ARG A 439 -26.08 30.39 23.33
C ARG A 439 -26.97 31.04 22.27
N LYS A 440 -27.57 30.26 21.38
CA LYS A 440 -28.51 30.76 20.34
C LYS A 440 -29.80 31.14 21.09
N ARG A 441 -30.61 32.00 20.50
CA ARG A 441 -31.81 32.55 21.16
C ARG A 441 -32.69 31.40 21.68
N PHE A 442 -32.90 30.37 20.84
CA PHE A 442 -33.90 29.32 21.09
C PHE A 442 -33.66 28.72 22.47
N LEU A 443 -32.41 28.53 22.90
CA LEU A 443 -32.06 27.99 24.25
C LEU A 443 -32.58 28.97 25.28
N GLY A 444 -32.46 30.26 24.96
CA GLY A 444 -32.96 31.38 25.77
C GLY A 444 -34.45 31.28 25.98
N ASP A 445 -35.22 31.21 24.90
CA ASP A 445 -36.70 31.17 24.94
C ASP A 445 -37.16 29.93 25.70
N ILE A 446 -36.52 28.80 25.51
CA ILE A 446 -36.94 27.52 26.14
C ILE A 446 -36.60 27.52 27.62
N CYS A 447 -35.42 28.02 28.00
CA CYS A 447 -34.90 27.93 29.39
C CYS A 447 -35.11 29.20 30.20
N GLY A 448 -35.65 30.26 29.59
CA GLY A 448 -35.79 31.60 30.20
C GLY A 448 -34.41 32.19 30.52
N ARG A 449 -33.57 32.32 29.50
CA ARG A 449 -32.21 32.90 29.59
C ARG A 449 -32.09 33.96 28.51
N PRO A 450 -32.55 35.19 28.81
CA PRO A 450 -32.43 36.30 27.88
C PRO A 450 -30.99 36.79 27.75
N GLU A 451 -30.10 36.53 28.71
CA GLU A 451 -28.66 36.88 28.58
C GLU A 451 -27.93 35.72 27.90
N ALA A 452 -27.33 35.95 26.72
CA ALA A 452 -26.60 34.92 25.94
C ALA A 452 -25.64 34.13 26.85
N SER A 453 -24.89 34.83 27.68
CA SER A 453 -23.80 34.27 28.52
C SER A 453 -24.40 33.34 29.58
N GLU A 454 -25.70 33.48 29.85
CA GLU A 454 -26.37 32.63 30.86
C GLU A 454 -26.87 31.34 30.20
N ARG A 455 -26.66 31.16 28.89
CA ARG A 455 -27.20 30.01 28.13
C ARG A 455 -26.18 28.87 28.00
N ASP A 456 -25.19 28.74 28.85
CA ASP A 456 -24.16 27.67 28.67
C ASP A 456 -24.67 26.29 29.10
N ALA A 457 -25.39 26.15 30.20
CA ALA A 457 -25.88 24.83 30.67
C ALA A 457 -26.81 24.29 29.58
N ALA A 458 -27.69 25.13 29.02
CA ALA A 458 -28.61 24.78 27.92
C ALA A 458 -27.79 24.30 26.73
N THR A 459 -26.68 24.99 26.44
CA THR A 459 -25.78 24.65 25.31
C THR A 459 -25.14 23.27 25.54
N VAL A 460 -24.62 22.99 26.75
CA VAL A 460 -24.07 21.62 27.07
C VAL A 460 -25.16 20.57 26.79
N ALA A 461 -26.36 20.78 27.29
CA ALA A 461 -27.49 19.83 27.08
C ALA A 461 -27.74 19.65 25.59
N CYS A 462 -27.84 20.74 24.84
CA CYS A 462 -28.18 20.72 23.39
C CYS A 462 -27.08 19.97 22.65
N VAL A 463 -25.84 20.30 22.95
CA VAL A 463 -24.62 19.72 22.32
C VAL A 463 -24.59 18.22 22.67
N THR A 464 -24.97 17.81 23.89
CA THR A 464 -25.00 16.37 24.29
C THR A 464 -26.05 15.65 23.42
N ALA A 465 -27.23 16.23 23.24
CA ALA A 465 -28.28 15.67 22.37
C ALA A 465 -27.73 15.50 20.97
N GLY A 466 -27.10 16.53 20.41
CA GLY A 466 -26.72 16.52 18.98
C GLY A 466 -25.66 15.45 18.72
N ILE A 467 -24.74 15.26 19.69
CA ILE A 467 -23.66 14.25 19.54
C ILE A 467 -24.30 12.88 19.58
N LEU A 468 -25.24 12.70 20.50
CA LEU A 468 -25.97 11.42 20.62
C LEU A 468 -26.73 11.16 19.32
N LYS A 469 -27.19 12.20 18.61
CA LYS A 469 -27.92 12.08 17.32
C LYS A 469 -26.96 12.18 16.13
N GLY A 470 -25.64 12.15 16.36
CA GLY A 470 -24.64 11.91 15.30
C GLY A 470 -23.72 13.08 14.98
N ALA A 471 -23.79 14.22 15.63
CA ALA A 471 -22.96 15.38 15.20
C ALA A 471 -21.47 15.04 15.44
N ASN A 472 -20.59 15.49 14.55
CA ASN A 472 -19.14 15.15 14.62
C ASN A 472 -18.34 16.36 15.16
N ILE A 473 -18.82 17.57 14.93
CA ILE A 473 -18.16 18.82 15.38
C ILE A 473 -19.20 19.71 16.06
N ILE A 474 -18.83 20.36 17.17
CA ILE A 474 -19.70 21.31 17.91
C ILE A 474 -18.95 22.64 17.98
N ARG A 475 -19.62 23.72 17.54
CA ARG A 475 -19.12 25.11 17.56
C ARG A 475 -19.63 25.77 18.84
N VAL A 476 -18.71 26.08 19.76
CA VAL A 476 -19.06 26.48 21.14
C VAL A 476 -18.26 27.72 21.56
N HIS A 477 -18.83 28.46 22.51
CA HIS A 477 -18.29 29.65 23.19
C HIS A 477 -17.51 29.10 24.36
N ASN A 478 -18.17 28.35 25.24
CA ASN A 478 -17.57 27.85 26.51
C ASN A 478 -16.85 26.54 26.20
N VAL A 479 -15.55 26.58 25.94
CA VAL A 479 -14.80 25.38 25.48
C VAL A 479 -14.80 24.29 26.58
N ARG A 480 -14.34 24.58 27.76
CA ARG A 480 -14.18 23.56 28.82
C ARG A 480 -15.49 22.77 29.05
N ASP A 481 -16.61 23.42 29.23
CA ASP A 481 -17.86 22.71 29.64
C ASP A 481 -18.33 21.82 28.50
N ASN A 482 -18.20 22.26 27.26
CA ASN A 482 -18.65 21.49 26.09
C ASN A 482 -17.65 20.36 25.83
N VAL A 483 -16.37 20.57 26.04
CA VAL A 483 -15.34 19.48 25.97
C VAL A 483 -15.71 18.41 27.01
N ASP A 484 -16.03 18.76 28.23
CA ASP A 484 -16.43 17.73 29.22
C ASP A 484 -17.57 16.92 28.63
N ALA A 485 -18.49 17.55 27.88
CA ALA A 485 -19.73 16.89 27.39
C ALA A 485 -19.34 15.97 26.23
N ALA A 486 -18.57 16.48 25.28
CA ALA A 486 -17.98 15.67 24.18
C ALA A 486 -17.26 14.44 24.76
N ARG A 487 -16.34 14.62 25.71
N ARG A 487 -16.34 14.62 25.71
CA ARG A 487 -15.57 13.47 26.24
CA ARG A 487 -15.58 13.47 26.23
C ARG A 487 -16.56 12.45 26.81
C ARG A 487 -16.56 12.45 26.81
N LEU A 488 -17.65 12.91 27.44
CA LEU A 488 -18.60 11.97 28.10
C LEU A 488 -19.45 11.27 27.04
N CYS A 489 -20.00 12.04 26.11
CA CYS A 489 -20.77 11.50 24.97
C CYS A 489 -19.92 10.43 24.30
N ASP A 490 -18.66 10.72 24.00
CA ASP A 490 -17.78 9.77 23.28
C ASP A 490 -17.59 8.51 24.14
N ALA A 491 -17.52 8.62 25.46
CA ALA A 491 -17.36 7.43 26.32
C ALA A 491 -18.66 6.64 26.31
N MET A 492 -19.79 7.32 26.27
CA MET A 492 -21.14 6.71 26.39
C MET A 492 -21.51 5.95 25.11
N MET A 493 -21.00 6.39 23.96
CA MET A 493 -21.37 5.91 22.61
C MET A 493 -20.35 4.87 22.15
N THR A 494 -19.27 4.70 22.90
CA THR A 494 -18.27 3.59 22.77
C THR A 494 -18.98 2.27 23.00
N LYS A 495 -18.88 1.36 22.03
CA LYS A 495 -19.76 0.18 21.91
C LYS A 495 -19.51 -0.83 23.06
N ARG A 496 -18.31 -0.84 23.66
CA ARG A 496 -18.03 -1.60 24.91
C ARG A 496 -17.88 -3.09 24.55
N PHE B 28 6.93 -44.53 -1.39
CA PHE B 28 7.39 -43.11 -1.62
C PHE B 28 7.12 -42.69 -3.06
N GLU B 29 6.12 -41.83 -3.31
CA GLU B 29 5.83 -41.27 -4.66
C GLU B 29 6.29 -39.81 -4.65
N GLU B 30 6.88 -39.33 -5.75
CA GLU B 30 7.32 -37.91 -5.81
C GLU B 30 6.06 -37.09 -6.10
N VAL B 31 5.94 -35.93 -5.47
CA VAL B 31 4.70 -35.11 -5.46
C VAL B 31 5.11 -33.63 -5.38
N VAL B 32 4.46 -32.74 -6.12
CA VAL B 32 4.79 -31.28 -6.01
C VAL B 32 3.51 -30.52 -5.65
N ILE B 33 3.57 -29.69 -4.60
CA ILE B 33 2.40 -28.99 -3.99
C ILE B 33 2.57 -27.47 -4.13
N ALA B 34 1.57 -26.77 -4.66
CA ALA B 34 1.53 -25.30 -4.79
C ALA B 34 1.21 -24.68 -3.43
N LEU B 35 1.75 -23.49 -3.14
CA LEU B 35 1.47 -22.73 -1.88
C LEU B 35 0.92 -21.36 -2.28
N GLY B 36 -0.09 -20.86 -1.57
CA GLY B 36 -0.70 -19.55 -1.84
C GLY B 36 -1.18 -18.95 -0.53
N SER B 37 -1.09 -17.63 -0.33
CA SER B 37 -1.51 -16.92 0.90
C SER B 37 -1.66 -15.43 0.62
N ASN B 38 -2.75 -14.81 1.08
CA ASN B 38 -3.03 -13.38 0.78
C ASN B 38 -3.46 -12.65 2.07
N VAL B 39 -3.19 -13.23 3.23
CA VAL B 39 -3.58 -12.62 4.54
C VAL B 39 -2.65 -13.13 5.64
N GLY B 40 -2.68 -12.40 6.77
CA GLY B 40 -1.81 -12.63 7.93
C GLY B 40 -0.38 -12.33 7.56
N ASN B 41 0.55 -12.93 8.28
CA ASN B 41 1.99 -12.83 7.95
C ASN B 41 2.21 -13.81 6.79
N ARG B 42 1.94 -13.36 5.55
CA ARG B 42 1.95 -14.24 4.37
C ARG B 42 3.15 -15.18 4.44
N MET B 43 4.32 -14.67 4.76
CA MET B 43 5.57 -15.47 4.73
C MET B 43 5.63 -16.43 5.93
N ASN B 44 5.05 -16.05 7.06
CA ASN B 44 5.02 -16.91 8.26
C ASN B 44 4.11 -18.12 7.98
N ASN B 45 2.98 -17.91 7.30
CA ASN B 45 2.06 -18.97 6.88
C ASN B 45 2.81 -19.99 6.01
N PHE B 46 3.63 -19.54 5.07
CA PHE B 46 4.42 -20.43 4.18
C PHE B 46 5.44 -21.19 5.02
N LYS B 47 6.12 -20.49 5.93
CA LYS B 47 7.15 -21.07 6.85
C LYS B 47 6.48 -22.16 7.70
N GLU B 48 5.27 -21.91 8.19
CA GLU B 48 4.53 -22.81 9.14
C GLU B 48 4.01 -24.02 8.37
N ALA B 49 3.34 -23.81 7.22
CA ALA B 49 2.91 -24.86 6.27
C ALA B 49 4.06 -25.86 6.02
N LEU B 50 5.27 -25.37 5.81
CA LEU B 50 6.47 -26.20 5.50
C LEU B 50 6.83 -27.08 6.70
N ARG B 51 6.64 -26.57 7.92
CA ARG B 51 6.87 -27.32 9.18
C ARG B 51 5.79 -28.42 9.31
N LEU B 52 4.51 -28.05 9.23
CA LEU B 52 3.35 -28.98 9.35
C LEU B 52 3.43 -30.08 8.27
N MET B 53 3.95 -29.75 7.08
CA MET B 53 4.17 -30.73 5.97
C MET B 53 5.21 -31.78 6.43
N LYS B 54 6.28 -31.36 7.11
CA LYS B 54 7.35 -32.26 7.61
C LYS B 54 6.75 -33.25 8.61
N ASP B 55 6.13 -32.71 9.66
CA ASP B 55 5.52 -33.44 10.82
C ASP B 55 4.48 -34.44 10.33
N TYR B 56 3.67 -34.08 9.34
CA TYR B 56 2.57 -34.92 8.80
C TYR B 56 3.03 -35.73 7.57
N GLY B 57 4.33 -36.05 7.47
CA GLY B 57 4.84 -37.13 6.59
C GLY B 57 5.01 -36.71 5.13
N ILE B 58 5.42 -35.45 4.91
CA ILE B 58 5.82 -34.88 3.59
C ILE B 58 7.27 -34.39 3.72
N SER B 59 8.22 -35.06 3.06
CA SER B 59 9.65 -34.65 2.99
C SER B 59 9.88 -33.75 1.77
N VAL B 60 10.06 -32.45 2.00
CA VAL B 60 10.26 -31.40 0.94
C VAL B 60 11.74 -31.42 0.52
N THR B 61 12.01 -31.67 -0.76
CA THR B 61 13.38 -31.71 -1.34
C THR B 61 13.71 -30.39 -2.05
N ARG B 62 12.75 -29.68 -2.64
CA ARG B 62 12.98 -28.46 -3.48
C ARG B 62 11.86 -27.44 -3.30
N HIS B 63 12.21 -26.17 -3.04
CA HIS B 63 11.31 -25.01 -2.98
C HIS B 63 11.49 -24.16 -4.24
N SER B 64 10.41 -23.54 -4.73
CA SER B 64 10.42 -22.62 -5.89
C SER B 64 10.95 -21.26 -5.46
N CYS B 65 11.11 -20.33 -6.39
CA CYS B 65 11.27 -18.90 -6.07
C CYS B 65 9.96 -18.42 -5.45
N LEU B 66 9.96 -17.27 -4.76
CA LEU B 66 8.72 -16.66 -4.20
C LEU B 66 8.13 -15.73 -5.23
N TYR B 67 6.81 -15.63 -5.30
CA TYR B 67 6.10 -14.77 -6.29
C TYR B 67 5.11 -13.86 -5.60
N GLU B 68 5.19 -12.54 -5.83
CA GLU B 68 4.16 -11.57 -5.36
C GLU B 68 3.21 -11.52 -6.55
N THR B 69 1.93 -11.74 -6.30
CA THR B 69 0.97 -12.12 -7.34
C THR B 69 -0.36 -11.38 -7.23
N GLU B 70 -0.90 -10.97 -8.38
CA GLU B 70 -2.25 -10.37 -8.55
C GLU B 70 -3.12 -11.34 -9.35
N PRO B 71 -3.67 -12.46 -8.80
CA PRO B 71 -4.39 -13.42 -9.64
C PRO B 71 -5.90 -13.13 -9.86
N VAL B 72 -6.51 -12.22 -9.07
CA VAL B 72 -7.94 -11.79 -9.19
C VAL B 72 -7.99 -10.59 -10.15
N HIS B 73 -7.24 -9.52 -9.85
CA HIS B 73 -7.07 -8.33 -10.73
C HIS B 73 -5.69 -7.72 -10.46
N VAL B 74 -5.07 -7.13 -11.49
CA VAL B 74 -3.70 -6.52 -11.48
C VAL B 74 -3.56 -5.53 -10.32
N THR B 75 -4.65 -4.84 -10.03
CA THR B 75 -4.78 -3.81 -8.97
C THR B 75 -5.63 -4.37 -7.81
N ASP B 76 -5.37 -5.59 -7.36
CA ASP B 76 -6.15 -6.19 -6.26
C ASP B 76 -5.36 -6.12 -4.96
N GLN B 77 -6.00 -5.68 -3.90
CA GLN B 77 -5.44 -5.77 -2.53
C GLN B 77 -6.25 -6.87 -1.87
N PRO B 78 -5.72 -7.89 -1.15
CA PRO B 78 -4.29 -8.09 -0.91
C PRO B 78 -3.72 -8.77 -2.16
N ARG B 79 -2.44 -8.58 -2.39
CA ARG B 79 -1.70 -9.35 -3.40
C ARG B 79 -1.45 -10.74 -2.79
N PHE B 80 -1.39 -11.78 -3.62
CA PHE B 80 -1.05 -13.13 -3.12
C PHE B 80 0.47 -13.34 -3.10
N LEU B 81 0.92 -14.16 -2.17
CA LEU B 81 2.28 -14.75 -2.18
C LEU B 81 2.10 -16.15 -2.76
N ASN B 82 2.89 -16.53 -3.77
CA ASN B 82 2.74 -17.84 -4.46
C ASN B 82 4.09 -18.51 -4.52
N ALA B 83 4.09 -19.81 -4.35
CA ALA B 83 5.29 -20.67 -4.37
C ALA B 83 4.86 -22.10 -4.71
N ALA B 84 5.78 -23.05 -4.65
CA ALA B 84 5.53 -24.48 -4.86
C ALA B 84 6.67 -25.26 -4.26
N ILE B 85 6.43 -26.50 -3.89
CA ILE B 85 7.50 -27.40 -3.38
C ILE B 85 7.44 -28.70 -4.15
N ARG B 86 8.49 -29.48 -4.04
CA ARG B 86 8.61 -30.82 -4.66
C ARG B 86 9.16 -31.72 -3.55
N GLY B 87 8.60 -32.93 -3.37
CA GLY B 87 9.07 -33.86 -2.32
C GLY B 87 8.60 -35.28 -2.54
N VAL B 88 8.93 -36.14 -1.58
CA VAL B 88 8.56 -37.58 -1.53
C VAL B 88 7.57 -37.75 -0.38
N THR B 89 6.58 -38.65 -0.54
CA THR B 89 5.55 -38.96 0.48
C THR B 89 5.06 -40.41 0.35
N LYS B 90 4.82 -41.09 1.47
CA LYS B 90 4.13 -42.41 1.51
C LYS B 90 2.61 -42.18 1.36
N LEU B 91 2.05 -41.16 2.04
CA LEU B 91 0.62 -40.76 1.96
C LEU B 91 0.08 -40.95 0.54
N LYS B 92 -1.07 -41.60 0.39
CA LYS B 92 -1.75 -41.81 -0.91
C LYS B 92 -2.50 -40.52 -1.27
N PRO B 93 -2.82 -40.29 -2.57
CA PRO B 93 -3.51 -39.08 -3.02
C PRO B 93 -4.56 -38.50 -2.06
N HIS B 94 -5.58 -39.28 -1.70
CA HIS B 94 -6.73 -38.81 -0.90
C HIS B 94 -6.23 -38.61 0.54
N GLU B 95 -5.26 -39.42 0.99
CA GLU B 95 -4.63 -39.32 2.33
C GLU B 95 -3.89 -37.98 2.43
N LEU B 96 -3.02 -37.71 1.44
CA LEU B 96 -2.24 -36.45 1.26
C LEU B 96 -3.20 -35.27 1.20
N LEU B 97 -4.12 -35.25 0.22
CA LEU B 97 -5.14 -34.17 0.05
C LEU B 97 -5.70 -33.80 1.43
N ASN B 98 -5.96 -34.80 2.27
CA ASN B 98 -6.65 -34.60 3.57
C ASN B 98 -5.68 -33.93 4.57
N VAL B 99 -4.39 -34.27 4.52
CA VAL B 99 -3.32 -33.63 5.35
C VAL B 99 -3.20 -32.16 4.92
N LEU B 100 -3.38 -31.87 3.64
CA LEU B 100 -3.21 -30.49 3.11
C LEU B 100 -4.42 -29.67 3.54
N LYS B 101 -5.63 -30.21 3.37
CA LYS B 101 -6.90 -29.61 3.87
C LYS B 101 -6.82 -29.44 5.39
N LYS B 102 -6.12 -30.35 6.09
CA LYS B 102 -5.91 -30.28 7.56
C LYS B 102 -5.05 -29.06 7.86
N ILE B 103 -3.88 -28.97 7.23
CA ILE B 103 -2.93 -27.84 7.39
C ILE B 103 -3.68 -26.53 7.11
N GLU B 104 -4.46 -26.50 6.04
CA GLU B 104 -5.27 -25.32 5.60
C GLU B 104 -6.20 -24.87 6.72
N LYS B 105 -6.94 -25.81 7.31
CA LYS B 105 -7.92 -25.58 8.41
C LYS B 105 -7.19 -25.12 9.66
N GLU B 106 -6.05 -25.73 9.92
CA GLU B 106 -5.22 -25.52 11.13
C GLU B 106 -4.56 -24.14 11.05
N MET B 107 -4.21 -23.68 9.86
CA MET B 107 -3.60 -22.33 9.66
C MET B 107 -4.70 -21.29 9.82
N GLY B 108 -5.96 -21.64 9.51
CA GLY B 108 -7.13 -20.80 9.77
C GLY B 108 -8.04 -20.58 8.57
N ARG B 109 -8.47 -21.65 7.90
CA ARG B 109 -9.34 -21.55 6.71
C ARG B 109 -10.79 -21.81 7.15
N GLU B 110 -11.49 -20.77 7.63
CA GLU B 110 -12.86 -20.87 8.21
C GLU B 110 -13.90 -21.28 7.15
N GLU B 111 -13.63 -21.04 5.86
CA GLU B 111 -14.50 -21.46 4.71
C GLU B 111 -15.91 -20.85 4.83
N ASN B 112 -16.06 -19.56 4.53
CA ASN B 112 -17.32 -18.77 4.65
C ASN B 112 -18.08 -18.67 3.32
N GLY B 113 -17.80 -19.50 2.33
CA GLY B 113 -18.43 -19.39 1.00
C GLY B 113 -18.20 -18.01 0.43
N LEU B 114 -16.93 -17.65 0.23
CA LEU B 114 -16.50 -16.36 -0.35
C LEU B 114 -15.60 -16.66 -1.55
N ARG B 115 -16.04 -16.34 -2.77
CA ARG B 115 -15.27 -16.61 -4.02
C ARG B 115 -13.83 -16.09 -3.83
N TYR B 116 -13.66 -14.77 -3.62
CA TYR B 116 -12.34 -14.10 -3.43
C TYR B 116 -12.16 -13.64 -1.98
N GLY B 117 -12.38 -14.54 -1.01
CA GLY B 117 -12.26 -14.21 0.42
C GLY B 117 -10.84 -14.41 0.93
N PRO B 118 -10.58 -14.10 2.23
CA PRO B 118 -9.28 -14.34 2.85
C PRO B 118 -8.76 -15.76 2.65
N ARG B 119 -7.47 -15.90 2.34
CA ARG B 119 -6.83 -17.22 2.07
C ARG B 119 -5.55 -17.33 2.88
N PRO B 120 -5.62 -17.62 4.20
CA PRO B 120 -4.43 -17.81 5.04
C PRO B 120 -3.32 -18.65 4.40
N LEU B 121 -3.71 -19.77 3.81
CA LEU B 121 -2.80 -20.72 3.13
C LEU B 121 -3.66 -21.56 2.21
N ASP B 122 -3.25 -21.76 0.96
CA ASP B 122 -3.98 -22.60 -0.03
C ASP B 122 -2.98 -23.66 -0.49
N LEU B 123 -3.19 -24.93 -0.19
CA LEU B 123 -2.29 -26.01 -0.70
C LEU B 123 -3.04 -26.78 -1.79
N ASP B 124 -2.38 -27.02 -2.93
CA ASP B 124 -2.94 -27.66 -4.15
C ASP B 124 -1.94 -28.73 -4.60
N ILE B 125 -2.41 -29.95 -4.86
CA ILE B 125 -1.54 -31.02 -5.45
C ILE B 125 -1.48 -30.76 -6.96
N LEU B 126 -0.28 -30.47 -7.45
CA LEU B 126 -0.06 -30.23 -8.89
C LEU B 126 0.26 -31.56 -9.59
N PHE B 127 1.07 -32.40 -8.92
CA PHE B 127 1.63 -33.65 -9.49
C PHE B 127 1.66 -34.70 -8.38
N TYR B 128 1.04 -35.85 -8.66
CA TYR B 128 1.24 -37.13 -7.93
C TYR B 128 1.81 -38.15 -8.91
N GLY B 129 2.97 -38.73 -8.55
CA GLY B 129 3.69 -39.79 -9.29
C GLY B 129 3.64 -39.57 -10.80
N LYS B 130 3.59 -40.66 -11.56
CA LYS B 130 3.87 -40.67 -13.03
C LYS B 130 2.60 -40.39 -13.82
N HIS B 131 1.42 -40.51 -13.20
CA HIS B 131 0.13 -40.55 -13.95
C HIS B 131 -0.82 -39.49 -13.41
N LYS B 132 -1.62 -38.93 -14.32
CA LYS B 132 -2.72 -38.01 -14.05
C LYS B 132 -3.74 -38.82 -13.26
N ILE B 133 -4.33 -38.23 -12.24
CA ILE B 133 -5.38 -38.88 -11.42
C ILE B 133 -6.68 -38.17 -11.72
N ILE B 134 -7.78 -38.91 -11.89
CA ILE B 134 -9.13 -38.31 -12.06
C ILE B 134 -10.00 -38.94 -11.00
N SER B 135 -10.79 -38.15 -10.28
CA SER B 135 -11.63 -38.62 -9.16
C SER B 135 -12.83 -37.68 -9.01
N ASP B 136 -13.72 -38.01 -8.08
CA ASP B 136 -14.89 -37.16 -7.74
C ASP B 136 -14.34 -35.92 -7.02
N LYS B 137 -13.39 -36.13 -6.09
CA LYS B 137 -12.72 -35.06 -5.31
C LYS B 137 -11.69 -34.35 -6.21
N LEU B 138 -10.51 -34.93 -6.39
CA LEU B 138 -9.33 -34.25 -7.00
C LEU B 138 -9.13 -34.62 -8.49
N ILE B 139 -8.38 -33.79 -9.20
CA ILE B 139 -7.86 -33.96 -10.59
C ILE B 139 -6.43 -33.43 -10.56
N ILE B 140 -5.45 -34.31 -10.59
CA ILE B 140 -4.00 -34.00 -10.49
C ILE B 140 -3.29 -34.47 -11.76
N PRO B 141 -2.74 -33.62 -12.65
CA PRO B 141 -2.84 -32.16 -12.57
C PRO B 141 -4.14 -31.65 -13.21
N HIS B 142 -4.81 -30.74 -12.51
CA HIS B 142 -6.06 -30.10 -12.96
C HIS B 142 -5.77 -29.30 -14.23
N GLU B 143 -6.73 -29.22 -15.15
CA GLU B 143 -6.57 -28.55 -16.49
C GLU B 143 -6.39 -27.02 -16.32
N ARG B 144 -6.82 -26.45 -15.20
CA ARG B 144 -6.83 -24.97 -14.96
C ARG B 144 -5.39 -24.46 -14.83
N ILE B 145 -4.47 -25.27 -14.27
CA ILE B 145 -3.13 -24.80 -13.83
C ILE B 145 -2.29 -24.39 -15.05
N TRP B 146 -2.58 -24.88 -16.25
CA TRP B 146 -1.80 -24.55 -17.48
C TRP B 146 -2.20 -23.15 -17.98
N GLU B 147 -3.06 -22.44 -17.24
CA GLU B 147 -3.48 -21.03 -17.52
C GLU B 147 -3.37 -20.16 -16.26
N ARG B 148 -2.50 -20.54 -15.31
CA ARG B 148 -2.28 -19.81 -14.04
C ARG B 148 -0.80 -19.48 -13.93
N PRO B 149 -0.34 -18.23 -14.23
CA PRO B 149 1.08 -17.93 -14.16
C PRO B 149 1.69 -18.08 -12.78
N PHE B 150 0.90 -17.93 -11.72
CA PHE B 150 1.30 -18.04 -10.29
C PHE B 150 1.46 -19.50 -9.87
N VAL B 151 1.08 -20.43 -10.74
CA VAL B 151 1.28 -21.88 -10.55
C VAL B 151 2.39 -22.32 -11.51
N LEU B 152 2.34 -21.94 -12.77
CA LEU B 152 3.33 -22.43 -13.76
C LEU B 152 4.73 -21.92 -13.42
N ALA B 153 4.92 -20.61 -13.26
CA ALA B 153 6.21 -20.00 -12.88
C ALA B 153 6.88 -20.76 -11.73
N PRO B 154 6.31 -20.90 -10.52
CA PRO B 154 7.02 -21.63 -9.49
C PRO B 154 7.16 -23.12 -9.81
N LEU B 155 6.23 -23.71 -10.56
CA LEU B 155 6.32 -25.13 -10.93
C LEU B 155 7.64 -25.33 -11.68
N VAL B 156 7.85 -24.54 -12.71
CA VAL B 156 9.06 -24.58 -13.58
C VAL B 156 10.35 -24.52 -12.75
N ASP B 157 10.42 -23.74 -11.67
CA ASP B 157 11.63 -23.58 -10.82
C ASP B 157 12.05 -24.88 -10.14
N LEU B 158 11.15 -25.83 -9.95
CA LEU B 158 11.41 -27.12 -9.27
C LEU B 158 12.10 -28.12 -10.20
N LEU B 159 12.00 -27.90 -11.51
CA LEU B 159 12.51 -28.80 -12.58
C LEU B 159 13.82 -28.28 -13.17
N GLY B 160 14.65 -29.20 -13.70
CA GLY B 160 15.88 -28.92 -14.47
C GLY B 160 15.62 -29.05 -15.95
N THR B 161 16.46 -28.50 -16.81
CA THR B 161 16.32 -28.60 -18.29
C THR B 161 17.07 -29.84 -18.80
N GLU B 162 17.77 -30.56 -17.92
CA GLU B 162 18.52 -31.80 -18.26
C GLU B 162 18.48 -32.73 -17.06
N ASP B 163 19.61 -32.97 -16.38
CA ASP B 163 19.69 -33.85 -15.19
C ASP B 163 18.70 -35.02 -15.28
N ILE B 164 18.62 -35.73 -16.42
CA ILE B 164 17.60 -36.82 -16.60
C ILE B 164 18.08 -38.05 -15.80
N ASP B 165 19.38 -38.31 -15.75
CA ASP B 165 20.00 -39.49 -15.08
C ASP B 165 19.66 -39.52 -13.57
N ASN B 166 19.34 -38.35 -12.96
CA ASN B 166 19.11 -38.18 -11.49
C ASN B 166 17.65 -37.78 -11.20
N ASP B 167 16.89 -37.39 -12.22
CA ASP B 167 15.50 -36.87 -12.12
C ASP B 167 14.63 -37.57 -13.17
N LYS B 168 14.24 -38.80 -12.89
CA LYS B 168 13.54 -39.71 -13.84
C LYS B 168 12.08 -39.22 -13.97
N ILE B 169 11.44 -39.02 -12.81
CA ILE B 169 10.00 -38.68 -12.62
C ILE B 169 9.56 -37.50 -13.48
N VAL B 170 10.40 -36.49 -13.67
CA VAL B 170 10.01 -35.25 -14.40
C VAL B 170 9.55 -35.59 -15.83
N ALA B 171 10.18 -36.54 -16.50
CA ALA B 171 9.86 -36.94 -17.89
C ALA B 171 8.34 -37.18 -18.07
N TYR B 172 7.70 -37.85 -17.11
CA TYR B 172 6.26 -38.17 -17.14
C TYR B 172 5.47 -36.90 -16.87
N TRP B 173 5.91 -36.09 -15.91
CA TRP B 173 5.27 -34.79 -15.56
C TRP B 173 5.08 -33.98 -16.83
N HIS B 174 6.14 -33.86 -17.63
CA HIS B 174 6.17 -33.15 -18.92
C HIS B 174 5.08 -33.66 -19.85
N SER B 175 4.94 -34.99 -19.91
CA SER B 175 3.99 -35.74 -20.77
C SER B 175 2.53 -35.52 -20.37
N LEU B 176 2.27 -35.09 -19.13
CA LEU B 176 0.90 -34.84 -18.60
C LEU B 176 0.34 -33.49 -19.05
N SER B 177 1.10 -32.67 -19.76
CA SER B 177 0.68 -31.32 -20.23
C SER B 177 -0.58 -31.37 -21.11
N MET B 178 -1.38 -30.31 -21.09
CA MET B 178 -2.63 -30.13 -21.87
C MET B 178 -2.31 -30.17 -23.37
N HIS B 179 -1.14 -29.66 -23.77
CA HIS B 179 -0.65 -29.69 -25.16
C HIS B 179 0.75 -30.32 -25.16
N SER B 180 1.45 -30.33 -26.30
CA SER B 180 2.80 -30.93 -26.42
C SER B 180 3.83 -29.93 -25.88
N GLY B 181 5.13 -30.20 -26.11
CA GLY B 181 6.26 -29.31 -25.82
C GLY B 181 6.70 -29.37 -24.37
N GLY B 182 5.99 -30.18 -23.57
CA GLY B 182 6.24 -30.37 -22.13
C GLY B 182 5.65 -29.23 -21.31
N ILE B 183 6.02 -29.18 -20.02
CA ILE B 183 5.65 -28.10 -19.05
C ILE B 183 6.23 -26.77 -19.55
N PHE B 184 7.49 -26.78 -19.96
CA PHE B 184 8.25 -25.57 -20.38
C PHE B 184 7.51 -24.85 -21.52
N GLN B 185 6.87 -25.57 -22.44
CA GLN B 185 6.20 -24.89 -23.58
C GLN B 185 4.84 -24.36 -23.08
N ALA B 186 4.31 -24.94 -22.01
CA ALA B 186 3.03 -24.46 -21.43
C ALA B 186 3.27 -23.04 -20.90
N TRP B 187 4.31 -22.90 -20.05
CA TRP B 187 4.85 -21.62 -19.52
C TRP B 187 5.06 -20.65 -20.68
N GLU B 188 5.90 -21.03 -21.67
CA GLU B 188 6.23 -20.21 -22.86
C GLU B 188 4.94 -19.70 -23.51
N ARG B 189 3.91 -20.56 -23.60
CA ARG B 189 2.61 -20.25 -24.26
C ARG B 189 1.99 -19.09 -23.47
N LEU B 190 2.05 -19.15 -22.14
CA LEU B 190 1.44 -18.16 -21.21
C LEU B 190 2.19 -16.81 -21.27
N GLY B 191 3.44 -16.79 -21.75
CA GLY B 191 4.32 -15.60 -21.83
C GLY B 191 5.73 -15.84 -21.31
N GLY B 192 5.97 -16.96 -20.61
CA GLY B 192 7.28 -17.32 -20.03
C GLY B 192 7.81 -16.23 -19.10
N GLU B 193 9.12 -15.96 -19.15
CA GLU B 193 9.78 -14.93 -18.30
C GLU B 193 9.30 -13.54 -18.65
N SER B 194 8.90 -13.30 -19.90
CA SER B 194 8.35 -11.99 -20.36
C SER B 194 7.26 -11.48 -19.38
N LEU B 195 6.56 -12.38 -18.70
CA LEU B 195 5.44 -12.03 -17.76
C LEU B 195 5.93 -11.24 -16.53
N LEU B 196 7.19 -11.39 -16.13
CA LEU B 196 7.75 -10.70 -14.93
C LEU B 196 8.56 -9.51 -15.44
N GLY B 197 8.27 -8.31 -14.94
CA GLY B 197 8.76 -7.03 -15.50
C GLY B 197 7.74 -6.43 -16.46
N LYS B 198 7.78 -5.11 -16.65
CA LYS B 198 6.80 -4.34 -17.47
C LYS B 198 5.38 -4.69 -17.01
N ASP B 199 4.93 -4.05 -15.92
CA ASP B 199 3.56 -4.15 -15.35
C ASP B 199 3.01 -5.57 -15.53
N GLY B 200 3.72 -6.55 -14.98
CA GLY B 200 3.37 -7.99 -14.99
C GLY B 200 2.44 -8.30 -13.84
N ILE B 201 1.72 -9.42 -13.94
CA ILE B 201 0.73 -9.85 -12.93
C ILE B 201 1.46 -10.61 -11.81
N ILE B 202 2.74 -10.94 -11.99
CA ILE B 202 3.59 -11.54 -10.92
C ILE B 202 5.00 -10.99 -11.06
N GLN B 203 5.75 -11.08 -9.98
CA GLN B 203 7.17 -10.69 -9.87
C GLN B 203 7.89 -11.68 -8.96
N ARG B 204 9.12 -12.03 -9.28
CA ARG B 204 9.95 -12.89 -8.41
C ARG B 204 10.48 -11.98 -7.30
N VAL B 205 10.34 -12.38 -6.04
CA VAL B 205 10.69 -11.55 -4.86
C VAL B 205 11.48 -12.41 -3.88
N ILE B 206 12.37 -11.75 -3.15
CA ILE B 206 13.15 -12.30 -2.01
C ILE B 206 12.52 -11.69 -0.78
N PRO B 207 12.16 -12.49 0.23
CA PRO B 207 11.50 -11.94 1.42
C PRO B 207 12.59 -11.54 2.41
N ILE B 208 12.54 -10.29 2.86
CA ILE B 208 13.44 -9.78 3.93
C ILE B 208 12.56 -9.09 4.97
N GLY B 209 12.42 -9.74 6.14
CA GLY B 209 11.38 -9.47 7.15
C GLY B 209 10.02 -9.29 6.50
N ASP B 210 9.53 -8.05 6.48
CA ASP B 210 8.14 -7.64 6.13
C ASP B 210 8.08 -7.12 4.69
N HIS B 211 9.23 -6.98 4.02
CA HIS B 211 9.29 -6.50 2.62
C HIS B 211 9.57 -7.70 1.72
N LEU B 212 9.08 -7.59 0.49
CA LEU B 212 9.44 -8.46 -0.64
C LEU B 212 10.22 -7.58 -1.63
N TRP B 213 11.49 -7.93 -1.86
CA TRP B 213 12.40 -7.19 -2.76
C TRP B 213 12.48 -7.91 -4.09
N ASP B 214 12.10 -7.19 -5.18
CA ASP B 214 12.34 -7.55 -6.60
C ASP B 214 13.70 -7.04 -7.04
N PHE B 215 14.76 -7.79 -6.72
CA PHE B 215 16.17 -7.51 -7.10
C PHE B 215 16.38 -7.58 -8.61
N SER B 216 15.38 -7.87 -9.41
CA SER B 216 15.56 -7.96 -10.89
C SER B 216 15.07 -6.70 -11.61
N LYS B 217 14.31 -5.83 -10.97
CA LYS B 217 13.59 -4.74 -11.67
C LYS B 217 14.59 -3.65 -12.07
N LYS B 218 15.63 -3.43 -11.26
CA LYS B 218 16.77 -2.50 -11.51
C LYS B 218 18.01 -3.09 -10.85
N THR B 219 19.18 -2.47 -11.07
CA THR B 219 20.45 -2.86 -10.39
C THR B 219 20.51 -2.24 -8.99
N TYR B 220 20.65 -3.04 -7.94
CA TYR B 220 20.72 -2.60 -6.54
C TYR B 220 22.20 -2.39 -6.24
N VAL B 221 22.57 -1.24 -5.62
CA VAL B 221 23.98 -0.92 -5.29
C VAL B 221 24.18 -1.04 -3.78
N MET B 222 25.09 -1.91 -3.38
CA MET B 222 25.48 -2.15 -1.97
C MET B 222 26.83 -1.43 -1.78
N GLY B 223 26.87 -0.43 -0.90
CA GLY B 223 28.07 0.38 -0.60
C GLY B 223 28.80 -0.23 0.56
N ILE B 224 30.12 -0.36 0.48
CA ILE B 224 30.98 -0.86 1.58
C ILE B 224 31.21 0.27 2.59
N LEU B 225 30.95 -0.06 3.86
CA LEU B 225 31.31 0.74 5.05
C LEU B 225 32.27 -0.12 5.88
N ASN B 226 33.58 0.13 5.77
CA ASN B 226 34.62 -0.63 6.53
C ASN B 226 34.88 0.10 7.86
N LEU B 227 34.95 -0.65 8.98
CA LEU B 227 35.05 -0.09 10.36
C LEU B 227 36.47 -0.28 10.92
N THR B 228 37.31 -1.07 10.25
CA THR B 228 38.75 -1.29 10.59
C THR B 228 39.62 -1.07 9.35
N PRO B 229 39.93 0.21 8.99
CA PRO B 229 41.07 0.55 8.13
C PRO B 229 42.27 1.00 8.97
N GLN B 239 36.67 3.44 13.43
CA GLN B 239 35.88 3.05 14.63
C GLN B 239 34.72 4.03 14.86
N SER B 240 34.95 5.34 14.74
CA SER B 240 34.03 6.41 15.24
C SER B 240 32.61 6.24 14.72
N VAL B 241 31.61 6.37 15.60
CA VAL B 241 30.18 6.25 15.22
C VAL B 241 29.77 7.50 14.45
N ASP B 242 30.41 8.63 14.70
CA ASP B 242 30.09 9.92 14.04
C ASP B 242 30.58 9.85 12.58
N THR B 243 31.78 9.30 12.35
CA THR B 243 32.37 9.18 10.99
C THR B 243 31.60 8.15 10.17
N ALA B 244 31.18 7.05 10.79
CA ALA B 244 30.44 5.96 10.15
C ALA B 244 29.05 6.44 9.76
N VAL B 245 28.41 7.23 10.61
CA VAL B 245 27.03 7.74 10.36
C VAL B 245 27.12 8.76 9.22
N SER B 246 28.18 9.51 9.17
CA SER B 246 28.38 10.57 8.16
C SER B 246 28.78 9.89 6.85
N ARG B 247 29.51 8.77 6.91
CA ARG B 247 29.85 8.01 5.68
C ARG B 247 28.55 7.47 5.07
N VAL B 248 27.67 6.88 5.88
CA VAL B 248 26.37 6.32 5.46
C VAL B 248 25.56 7.42 4.81
N ARG B 249 25.51 8.57 5.43
CA ARG B 249 24.70 9.74 5.03
C ARG B 249 25.13 10.16 3.61
N SER B 250 26.43 9.98 3.30
CA SER B 250 27.09 10.34 2.02
C SER B 250 26.72 9.30 0.97
N MET B 251 26.84 8.01 1.34
CA MET B 251 26.39 6.85 0.51
C MET B 251 24.95 7.09 0.09
N ILE B 252 24.11 7.54 0.99
CA ILE B 252 22.65 7.70 0.70
C ILE B 252 22.43 8.83 -0.33
N SER B 253 23.23 9.88 -0.28
CA SER B 253 23.08 11.01 -1.25
C SER B 253 23.72 10.62 -2.59
N GLU B 254 24.62 9.62 -2.58
CA GLU B 254 25.38 9.16 -3.77
C GLU B 254 24.52 8.15 -4.56
N GLY B 255 23.50 7.58 -3.91
CA GLY B 255 22.46 6.77 -4.55
C GLY B 255 22.40 5.34 -4.04
N VAL B 256 23.15 5.01 -2.99
CA VAL B 256 23.24 3.62 -2.45
C VAL B 256 21.85 3.10 -2.12
N ASP B 257 21.74 1.77 -2.10
CA ASP B 257 20.51 0.97 -1.81
C ASP B 257 20.72 0.20 -0.50
N ILE B 258 21.90 -0.35 -0.31
CA ILE B 258 22.21 -1.36 0.76
C ILE B 258 23.55 -0.95 1.37
N ILE B 259 23.67 -1.03 2.69
CA ILE B 259 24.89 -0.66 3.44
C ILE B 259 25.49 -1.97 3.93
N ASP B 260 26.69 -2.28 3.46
CA ASP B 260 27.46 -3.50 3.84
C ASP B 260 28.44 -3.09 4.92
N ILE B 261 28.22 -3.48 6.17
CA ILE B 261 29.13 -3.11 7.29
C ILE B 261 29.95 -4.35 7.70
N GLY B 262 31.27 -4.22 7.68
CA GLY B 262 32.20 -5.30 8.09
C GLY B 262 33.41 -4.77 8.85
N ALA B 263 33.76 -5.42 9.98
CA ALA B 263 35.02 -5.22 10.75
C ALA B 263 35.90 -6.47 10.61
N GLN B 276 35.55 -14.81 17.31
CA GLN B 276 36.39 -13.69 17.79
C GLN B 276 35.50 -12.66 18.50
N GLU B 277 36.07 -11.54 18.98
CA GLU B 277 35.32 -10.46 19.65
C GLU B 277 34.68 -9.57 18.56
N GLU B 278 35.12 -8.32 18.29
CA GLU B 278 34.69 -7.41 17.18
C GLU B 278 33.22 -6.92 17.22
N ILE B 279 32.34 -7.34 18.12
CA ILE B 279 30.90 -6.89 18.11
C ILE B 279 30.84 -5.48 18.71
N ASP B 280 31.85 -5.08 19.49
CA ASP B 280 31.93 -3.75 20.16
C ASP B 280 32.30 -2.67 19.15
N ARG B 281 32.82 -3.06 17.97
CA ARG B 281 33.09 -2.17 16.81
C ARG B 281 31.86 -2.09 15.91
N LEU B 282 31.26 -3.24 15.61
CA LEU B 282 30.15 -3.40 14.64
C LEU B 282 28.79 -2.98 15.22
N ILE B 283 28.35 -3.58 16.32
CA ILE B 283 26.96 -3.42 16.85
C ILE B 283 26.65 -1.96 17.18
N PRO B 284 27.55 -1.16 17.80
CA PRO B 284 27.18 0.23 18.12
C PRO B 284 26.83 1.02 16.85
N VAL B 285 27.59 0.81 15.79
CA VAL B 285 27.36 1.43 14.46
C VAL B 285 26.06 0.88 13.92
N LEU B 286 25.88 -0.44 14.01
CA LEU B 286 24.67 -1.13 13.52
C LEU B 286 23.43 -0.50 14.13
N LYS B 287 23.45 -0.25 15.44
CA LYS B 287 22.27 0.28 16.16
C LYS B 287 21.93 1.67 15.67
N VAL B 288 22.90 2.55 15.39
CA VAL B 288 22.57 3.96 15.04
C VAL B 288 22.29 4.07 13.54
N VAL B 289 23.06 3.42 12.66
CA VAL B 289 22.75 3.41 11.20
C VAL B 289 21.31 2.94 11.04
N ARG B 290 20.93 1.88 11.78
CA ARG B 290 19.57 1.25 11.73
C ARG B 290 18.50 2.28 12.11
N GLY B 291 18.83 3.18 13.06
CA GLY B 291 17.95 4.27 13.54
C GLY B 291 17.83 5.43 12.56
N MET B 292 18.85 5.70 11.75
CA MET B 292 18.95 6.95 10.93
C MET B 292 17.66 7.14 10.13
N ALA B 293 17.07 8.32 10.20
CA ALA B 293 15.85 8.73 9.45
C ALA B 293 16.00 8.38 7.96
N GLU B 294 17.10 8.80 7.35
CA GLU B 294 17.40 8.62 5.90
C GLU B 294 17.56 7.14 5.55
N MET B 295 17.98 6.30 6.51
CA MET B 295 18.09 4.82 6.34
C MET B 295 16.74 4.09 6.42
N LYS B 296 15.61 4.78 6.25
CA LYS B 296 14.27 4.13 6.41
C LYS B 296 13.95 3.39 5.10
N GLY B 297 13.72 2.08 5.18
CA GLY B 297 13.47 1.20 4.02
C GLY B 297 14.68 1.06 3.10
N LYS B 298 15.89 1.22 3.67
CA LYS B 298 17.18 0.78 3.10
C LYS B 298 17.61 -0.48 3.84
N LEU B 299 18.39 -1.34 3.19
CA LEU B 299 18.81 -2.63 3.77
C LEU B 299 20.20 -2.51 4.34
N ILE B 300 20.54 -3.37 5.29
CA ILE B 300 21.91 -3.52 5.86
C ILE B 300 22.35 -4.97 5.74
N SER B 301 23.41 -5.26 5.03
CA SER B 301 24.07 -6.59 5.02
C SER B 301 25.25 -6.51 5.99
N VAL B 302 25.67 -7.61 6.58
CA VAL B 302 26.81 -7.51 7.53
C VAL B 302 27.89 -8.49 7.05
N ASP B 303 29.14 -8.06 7.08
CA ASP B 303 30.32 -8.81 6.57
C ASP B 303 31.08 -9.43 7.72
N THR B 304 30.63 -10.57 8.21
CA THR B 304 31.31 -11.31 9.30
C THR B 304 31.20 -12.80 9.05
N PHE B 305 32.17 -13.55 9.58
CA PHE B 305 32.17 -15.03 9.63
C PHE B 305 32.09 -15.51 11.08
N ASN B 306 31.77 -14.64 12.03
CA ASN B 306 31.73 -15.00 13.47
C ASN B 306 30.28 -15.21 13.92
N SER B 307 29.84 -16.46 14.12
CA SER B 307 28.46 -16.85 14.50
C SER B 307 27.86 -15.88 15.51
N GLU B 308 28.58 -15.59 16.61
CA GLU B 308 28.11 -14.69 17.70
C GLU B 308 27.85 -13.29 17.13
N VAL B 309 28.67 -12.84 16.18
CA VAL B 309 28.49 -11.51 15.52
C VAL B 309 27.26 -11.62 14.63
N ALA B 310 27.15 -12.71 13.87
CA ALA B 310 26.02 -12.94 12.95
C ALA B 310 24.72 -12.78 13.73
N LEU B 311 24.55 -13.59 14.78
CA LEU B 311 23.33 -13.62 15.63
C LEU B 311 23.07 -12.24 16.25
N GLU B 312 24.10 -11.59 16.78
CA GLU B 312 23.97 -10.26 17.45
C GLU B 312 23.57 -9.20 16.42
N ALA B 313 24.07 -9.32 15.19
CA ALA B 313 23.76 -8.42 14.05
C ALA B 313 22.31 -8.63 13.58
N ILE B 314 21.89 -9.88 13.37
CA ILE B 314 20.47 -10.19 13.03
C ILE B 314 19.58 -9.53 14.09
N ARG B 315 19.89 -9.78 15.37
CA ARG B 315 19.12 -9.28 16.54
C ARG B 315 19.08 -7.75 16.53
N ASN B 316 20.10 -7.10 15.97
CA ASN B 316 20.25 -5.62 16.02
C ASN B 316 19.91 -4.93 14.70
N GLY B 317 19.32 -5.66 13.74
CA GLY B 317 18.62 -5.06 12.58
C GLY B 317 19.36 -5.27 11.27
N ALA B 318 20.38 -6.14 11.24
CA ALA B 318 21.06 -6.56 9.99
C ALA B 318 20.01 -7.31 9.18
N ASP B 319 19.81 -6.92 7.93
CA ASP B 319 18.75 -7.48 7.07
C ASP B 319 19.26 -8.64 6.19
N ILE B 320 20.53 -8.69 5.78
CA ILE B 320 20.89 -9.73 4.77
C ILE B 320 21.74 -10.86 5.35
N LEU B 321 22.89 -10.53 5.95
CA LEU B 321 23.90 -11.47 6.51
C LEU B 321 24.69 -12.07 5.34
N ASN B 322 25.95 -11.65 5.17
CA ASN B 322 26.83 -12.12 4.09
C ASN B 322 27.80 -13.20 4.61
N ASP B 323 27.35 -14.46 4.56
CA ASP B 323 28.16 -15.67 4.84
C ASP B 323 29.17 -15.81 3.70
N VAL B 324 30.36 -16.35 3.99
CA VAL B 324 31.46 -16.47 2.98
C VAL B 324 32.18 -17.82 3.18
N SER B 325 31.51 -18.81 3.77
CA SER B 325 32.18 -20.03 4.31
C SER B 325 31.15 -21.06 4.80
N GLY B 326 31.12 -22.24 4.15
CA GLY B 326 30.20 -23.36 4.43
C GLY B 326 30.95 -24.66 4.72
N GLY B 327 31.44 -25.33 3.66
CA GLY B 327 32.19 -26.61 3.73
C GLY B 327 33.61 -26.44 3.22
N GLU B 331 31.24 -23.96 11.28
CA GLU B 331 30.33 -24.93 11.95
C GLU B 331 29.35 -24.16 12.83
N ASN B 332 28.04 -24.39 12.64
CA ASN B 332 26.92 -23.76 13.40
C ASN B 332 26.83 -22.26 13.08
N MET B 333 27.11 -21.89 11.83
CA MET B 333 26.58 -20.68 11.15
C MET B 333 25.22 -21.07 10.54
N HIS B 334 25.14 -22.31 10.05
CA HIS B 334 23.93 -22.91 9.41
C HIS B 334 22.72 -22.77 10.36
N LYS B 335 22.95 -22.90 11.67
CA LYS B 335 21.88 -22.88 12.71
C LYS B 335 21.37 -21.43 12.90
N VAL B 336 22.30 -20.47 12.99
CA VAL B 336 22.01 -19.02 13.18
C VAL B 336 21.07 -18.58 12.03
N VAL B 337 21.47 -18.93 10.80
CA VAL B 337 20.79 -18.58 9.52
C VAL B 337 19.48 -19.36 9.39
N ALA B 338 19.42 -20.57 9.94
CA ALA B 338 18.21 -21.42 9.97
C ALA B 338 17.09 -20.71 10.74
N ASP B 339 17.28 -20.46 12.05
CA ASP B 339 16.19 -19.89 12.90
C ASP B 339 15.72 -18.54 12.32
N SER B 340 16.63 -17.80 11.68
CA SER B 340 16.39 -16.43 11.16
C SER B 340 15.62 -16.45 9.84
N ASP B 341 15.00 -15.31 9.50
CA ASP B 341 14.24 -15.08 8.24
C ASP B 341 15.03 -14.09 7.37
N VAL B 342 16.35 -14.28 7.26
CA VAL B 342 17.25 -13.41 6.44
C VAL B 342 17.73 -14.16 5.21
N PRO B 343 17.87 -13.47 4.05
CA PRO B 343 18.47 -14.09 2.88
C PRO B 343 19.85 -14.64 3.21
N TYR B 344 20.21 -15.74 2.56
CA TYR B 344 21.43 -16.53 2.84
C TYR B 344 22.26 -16.51 1.57
N MET B 345 23.28 -15.63 1.57
CA MET B 345 24.20 -15.39 0.43
C MET B 345 25.24 -16.51 0.36
N ILE B 346 25.31 -17.21 -0.77
CA ILE B 346 26.20 -18.39 -0.96
C ILE B 346 27.33 -18.00 -1.92
N MET B 347 28.57 -18.18 -1.49
CA MET B 347 29.83 -17.78 -2.19
C MET B 347 30.36 -19.00 -2.96
N HIS B 348 31.02 -18.78 -4.09
CA HIS B 348 31.59 -19.86 -4.93
C HIS B 348 32.95 -20.35 -4.36
N MET B 349 33.84 -19.46 -3.91
CA MET B 349 35.13 -19.82 -3.24
C MET B 349 35.96 -18.55 -3.03
N ASN B 365 38.80 -28.76 -16.73
CA ASN B 365 38.17 -27.78 -15.80
C ASN B 365 37.42 -26.70 -16.59
N GLU B 366 36.09 -26.86 -16.69
CA GLU B 366 35.14 -26.01 -17.46
C GLU B 366 34.38 -25.09 -16.49
N ILE B 367 34.63 -23.78 -16.59
CA ILE B 367 34.40 -22.76 -15.52
C ILE B 367 32.90 -22.61 -15.25
N CYS B 368 32.10 -22.42 -16.30
CA CYS B 368 30.64 -22.24 -16.16
C CYS B 368 30.07 -23.45 -15.42
N LYS B 369 30.26 -24.64 -16.00
CA LYS B 369 29.70 -25.91 -15.47
C LYS B 369 30.21 -26.12 -14.04
N ASP B 370 31.51 -25.92 -13.78
CA ASP B 370 32.14 -26.11 -12.45
C ASP B 370 31.42 -25.26 -11.41
N VAL B 371 31.28 -23.96 -11.69
CA VAL B 371 30.68 -22.94 -10.77
C VAL B 371 29.20 -23.28 -10.53
N ALA B 372 28.46 -23.58 -11.61
CA ALA B 372 27.03 -24.00 -11.55
C ALA B 372 26.90 -25.15 -10.55
N THR B 373 27.42 -26.33 -10.92
CA THR B 373 27.47 -27.56 -10.10
C THR B 373 27.87 -27.24 -8.66
N GLU B 374 29.02 -26.60 -8.48
CA GLU B 374 29.57 -26.33 -7.13
C GLU B 374 28.49 -25.63 -6.32
N LEU B 375 27.88 -24.59 -6.90
CA LEU B 375 26.83 -23.78 -6.26
C LEU B 375 25.61 -24.65 -6.02
N TYR B 376 25.15 -25.36 -7.06
CA TYR B 376 23.96 -26.23 -7.01
C TYR B 376 24.07 -27.22 -5.84
N GLU B 377 25.14 -28.04 -5.82
CA GLU B 377 25.42 -29.03 -4.75
C GLU B 377 25.08 -28.40 -3.39
N ARG B 378 25.55 -27.17 -3.15
CA ARG B 378 25.48 -26.49 -1.84
C ARG B 378 24.06 -25.98 -1.59
N VAL B 379 23.28 -25.70 -2.64
CA VAL B 379 21.86 -25.25 -2.51
C VAL B 379 21.01 -26.48 -2.21
N ARG B 380 21.22 -27.59 -2.92
CA ARG B 380 20.56 -28.87 -2.62
C ARG B 380 20.77 -29.19 -1.14
N GLU B 381 22.02 -29.18 -0.65
CA GLU B 381 22.38 -29.40 0.78
C GLU B 381 21.46 -28.53 1.64
N ALA B 382 21.37 -27.24 1.30
CA ALA B 382 20.75 -26.19 2.15
C ALA B 382 19.23 -26.40 2.18
N GLU B 383 18.61 -26.71 1.03
CA GLU B 383 17.16 -27.02 0.96
C GLU B 383 16.87 -28.20 1.89
N LEU B 384 17.63 -29.29 1.75
CA LEU B 384 17.39 -30.55 2.49
C LEU B 384 17.46 -30.29 4.00
N SER B 385 18.33 -29.39 4.45
CA SER B 385 18.48 -28.99 5.89
C SER B 385 17.48 -27.87 6.26
N GLY B 386 16.42 -27.65 5.45
CA GLY B 386 15.23 -26.86 5.78
C GLY B 386 15.29 -25.40 5.35
N ILE B 387 16.12 -25.06 4.35
CA ILE B 387 16.34 -23.65 3.86
C ILE B 387 15.71 -23.51 2.48
N PRO B 388 14.57 -22.82 2.36
CA PRO B 388 13.94 -22.64 1.06
C PRO B 388 14.84 -21.84 0.11
N ALA B 389 14.94 -22.29 -1.14
CA ALA B 389 15.69 -21.63 -2.23
C ALA B 389 15.27 -20.18 -2.35
N TRP B 390 13.99 -19.89 -2.10
CA TRP B 390 13.43 -18.53 -2.30
C TRP B 390 14.19 -17.47 -1.49
N ARG B 391 15.10 -17.86 -0.57
CA ARG B 391 15.89 -16.89 0.23
C ARG B 391 17.39 -17.13 0.07
N ILE B 392 17.80 -17.71 -1.05
CA ILE B 392 19.23 -17.87 -1.43
C ILE B 392 19.60 -16.71 -2.37
N MET B 393 20.73 -16.06 -2.12
CA MET B 393 21.37 -15.11 -3.08
C MET B 393 22.77 -15.65 -3.43
N ILE B 394 23.19 -15.46 -4.67
CA ILE B 394 24.42 -16.09 -5.22
C ILE B 394 25.49 -15.03 -5.46
N ASP B 395 26.67 -15.24 -4.89
CA ASP B 395 27.90 -14.46 -5.17
C ASP B 395 28.90 -15.41 -5.81
N PRO B 396 29.17 -15.24 -7.12
CA PRO B 396 30.12 -16.11 -7.79
C PRO B 396 31.57 -15.82 -7.41
N GLY B 397 31.83 -14.90 -6.49
CA GLY B 397 33.11 -14.82 -5.74
C GLY B 397 34.29 -14.29 -6.55
N ILE B 398 34.06 -13.21 -7.28
CA ILE B 398 35.11 -12.49 -8.02
C ILE B 398 36.19 -12.06 -7.04
N GLY B 399 37.44 -12.11 -7.48
CA GLY B 399 38.57 -11.54 -6.74
C GLY B 399 39.31 -12.58 -5.91
N PHE B 400 38.60 -13.56 -5.35
CA PHE B 400 39.17 -14.57 -4.41
C PHE B 400 40.14 -15.51 -5.14
N SER B 401 39.91 -15.80 -6.42
CA SER B 401 40.86 -16.56 -7.29
C SER B 401 42.14 -15.74 -7.48
N LYS B 402 43.30 -16.30 -7.10
CA LYS B 402 44.63 -15.68 -7.23
C LYS B 402 45.07 -15.78 -8.71
N GLY B 403 44.50 -14.94 -9.57
CA GLY B 403 44.79 -14.90 -11.02
C GLY B 403 43.71 -14.17 -11.79
N ILE B 404 44.07 -13.65 -12.96
CA ILE B 404 43.17 -12.82 -13.80
C ILE B 404 42.07 -13.68 -14.42
N ASP B 405 42.45 -14.64 -15.27
CA ASP B 405 41.56 -15.20 -16.33
C ASP B 405 40.27 -15.75 -15.72
N HIS B 406 40.33 -16.34 -14.52
CA HIS B 406 39.15 -16.95 -13.85
C HIS B 406 38.08 -15.87 -13.62
N ASN B 407 38.52 -14.68 -13.16
CA ASN B 407 37.65 -13.56 -12.72
C ASN B 407 36.93 -12.98 -13.94
N LEU B 408 37.65 -12.80 -15.05
CA LEU B 408 37.04 -12.27 -16.29
C LEU B 408 35.97 -13.25 -16.77
N ASP B 409 36.23 -14.55 -16.63
CA ASP B 409 35.29 -15.58 -17.11
C ASP B 409 33.98 -15.44 -16.33
N ILE B 410 34.06 -15.46 -15.01
CA ILE B 410 32.86 -15.35 -14.14
C ILE B 410 32.03 -14.13 -14.58
N VAL B 411 32.67 -13.00 -14.82
CA VAL B 411 31.96 -11.75 -15.23
C VAL B 411 31.30 -11.99 -16.60
N MET B 412 32.11 -12.35 -17.61
CA MET B 412 31.67 -12.40 -19.03
C MET B 412 30.68 -13.55 -19.27
N GLU B 413 30.72 -14.59 -18.41
CA GLU B 413 29.97 -15.86 -18.65
C GLU B 413 28.86 -16.07 -17.61
N LEU B 414 28.39 -15.01 -16.94
CA LEU B 414 27.27 -15.12 -15.96
C LEU B 414 26.08 -15.81 -16.62
N PRO B 415 25.61 -15.41 -17.82
CA PRO B 415 24.43 -16.03 -18.42
C PRO B 415 24.63 -17.52 -18.72
N LYS B 416 25.82 -17.89 -19.14
CA LYS B 416 26.21 -19.30 -19.40
C LYS B 416 26.17 -20.05 -18.07
N ILE B 417 26.66 -19.45 -16.96
CA ILE B 417 26.61 -20.09 -15.60
C ILE B 417 25.15 -20.34 -15.21
N ARG B 418 24.23 -19.49 -15.69
CA ARG B 418 22.79 -19.60 -15.34
C ARG B 418 22.16 -20.75 -16.12
N GLU B 419 22.43 -20.86 -17.43
CA GLU B 419 22.07 -22.05 -18.25
C GLU B 419 22.54 -23.34 -17.57
N GLU B 420 23.80 -23.38 -17.14
CA GLU B 420 24.39 -24.57 -16.47
C GLU B 420 23.63 -24.85 -15.17
N MET B 421 23.30 -23.81 -14.39
CA MET B 421 22.46 -23.92 -13.18
C MET B 421 21.06 -24.42 -13.60
N ALA B 422 20.49 -23.86 -14.67
CA ALA B 422 19.11 -24.16 -15.13
C ALA B 422 18.98 -25.65 -15.45
N LYS B 423 20.06 -26.28 -15.92
CA LYS B 423 20.07 -27.70 -16.36
C LYS B 423 19.74 -28.55 -15.13
N LYS B 424 20.30 -28.24 -13.96
CA LYS B 424 19.98 -28.96 -12.70
C LYS B 424 18.77 -28.34 -11.98
N SER B 425 18.63 -27.00 -11.97
CA SER B 425 17.56 -26.25 -11.26
C SER B 425 17.28 -24.90 -11.90
N ILE B 426 16.12 -24.72 -12.53
CA ILE B 426 15.70 -23.44 -13.14
C ILE B 426 15.51 -22.39 -12.04
N GLY B 427 15.05 -22.80 -10.86
CA GLY B 427 14.85 -21.87 -9.73
C GLY B 427 16.16 -21.16 -9.42
N LEU B 428 17.23 -21.93 -9.31
CA LEU B 428 18.56 -21.39 -8.94
C LEU B 428 19.04 -20.46 -10.07
N SER B 429 18.77 -20.81 -11.33
CA SER B 429 19.07 -19.95 -12.51
C SER B 429 18.41 -18.57 -12.32
N HIS B 430 17.36 -18.46 -11.52
CA HIS B 430 16.62 -17.19 -11.32
C HIS B 430 17.01 -16.50 -10.01
N ALA B 431 17.82 -17.15 -9.16
CA ALA B 431 18.36 -16.58 -7.91
C ALA B 431 19.14 -15.32 -8.26
N PRO B 432 19.00 -14.24 -7.47
CA PRO B 432 19.65 -12.98 -7.80
C PRO B 432 21.13 -13.13 -7.49
N ILE B 433 21.94 -12.43 -8.28
CA ILE B 433 23.41 -12.59 -8.28
C ILE B 433 24.05 -11.28 -7.84
N LEU B 434 24.93 -11.32 -6.84
CA LEU B 434 25.67 -10.14 -6.32
C LEU B 434 27.12 -10.26 -6.77
N ILE B 435 27.65 -9.27 -7.50
CA ILE B 435 29.06 -9.28 -7.97
C ILE B 435 29.83 -8.25 -7.14
N GLY B 436 31.00 -8.61 -6.62
CA GLY B 436 31.87 -7.73 -5.80
C GLY B 436 33.28 -7.67 -6.37
N PRO B 437 33.49 -6.91 -7.45
CA PRO B 437 34.81 -6.71 -8.02
C PRO B 437 35.58 -5.44 -7.61
N SER B 438 35.01 -4.61 -6.74
CA SER B 438 35.55 -3.24 -6.46
C SER B 438 37.03 -3.32 -6.05
N ARG B 439 37.89 -2.59 -6.78
CA ARG B 439 39.32 -2.42 -6.45
C ARG B 439 39.93 -3.78 -6.06
N LYS B 440 39.55 -4.85 -6.76
CA LYS B 440 40.13 -6.19 -6.54
C LYS B 440 41.45 -6.20 -7.28
N ARG B 441 42.40 -7.00 -6.85
CA ARG B 441 43.77 -6.97 -7.42
C ARG B 441 43.73 -7.15 -8.93
N PHE B 442 42.89 -8.03 -9.46
CA PHE B 442 42.88 -8.37 -10.90
C PHE B 442 42.69 -7.09 -11.74
N LEU B 443 41.86 -6.16 -11.30
CA LEU B 443 41.66 -4.85 -12.01
C LEU B 443 43.00 -4.12 -12.00
N GLY B 444 43.71 -4.22 -10.87
CA GLY B 444 45.04 -3.63 -10.67
C GLY B 444 46.02 -4.16 -11.67
N ASP B 445 46.13 -5.49 -11.74
CA ASP B 445 47.10 -6.18 -12.64
C ASP B 445 46.77 -5.75 -14.08
N ILE B 446 45.51 -5.79 -14.48
CA ILE B 446 45.12 -5.51 -15.88
C ILE B 446 45.41 -4.05 -16.20
N CYS B 447 45.07 -3.09 -15.33
CA CYS B 447 45.11 -1.64 -15.65
C CYS B 447 46.40 -0.95 -15.18
N GLY B 448 47.26 -1.68 -14.46
CA GLY B 448 48.51 -1.17 -13.88
C GLY B 448 48.16 -0.20 -12.77
N ARG B 449 47.39 -0.63 -11.79
CA ARG B 449 47.01 0.22 -10.64
C ARG B 449 47.36 -0.55 -9.37
N PRO B 450 48.59 -0.43 -8.85
CA PRO B 450 48.97 -1.16 -7.65
C PRO B 450 48.35 -0.59 -6.36
N GLU B 451 47.80 0.62 -6.35
CA GLU B 451 47.07 1.16 -5.17
C GLU B 451 45.59 0.85 -5.40
N ALA B 452 44.92 0.22 -4.43
CA ALA B 452 43.49 -0.12 -4.51
C ALA B 452 42.65 1.12 -4.86
N SER B 453 42.93 2.28 -4.29
CA SER B 453 42.09 3.50 -4.40
C SER B 453 42.02 4.00 -5.85
N GLU B 454 43.01 3.70 -6.68
CA GLU B 454 43.07 4.14 -8.10
C GLU B 454 42.38 3.16 -9.06
N ARG B 455 41.62 2.18 -8.59
CA ARG B 455 41.01 1.15 -9.44
C ARG B 455 39.50 1.39 -9.57
N ASP B 456 39.02 2.60 -9.40
CA ASP B 456 37.57 2.89 -9.41
C ASP B 456 37.04 2.88 -10.84
N ALA B 457 37.80 3.37 -11.82
CA ALA B 457 37.35 3.33 -13.23
C ALA B 457 37.29 1.87 -13.69
N ALA B 458 38.35 1.10 -13.39
CA ALA B 458 38.36 -0.35 -13.65
C ALA B 458 37.09 -0.95 -13.06
N THR B 459 36.69 -0.52 -11.85
CA THR B 459 35.54 -1.12 -11.12
C THR B 459 34.25 -0.78 -11.87
N VAL B 460 34.09 0.47 -12.29
CA VAL B 460 32.90 0.91 -13.11
C VAL B 460 32.87 0.09 -14.41
N ALA B 461 33.98 -0.04 -15.11
CA ALA B 461 34.02 -0.85 -16.36
C ALA B 461 33.52 -2.27 -16.06
N CYS B 462 34.08 -2.92 -15.03
CA CYS B 462 33.79 -4.30 -14.63
C CYS B 462 32.32 -4.41 -14.26
N VAL B 463 31.83 -3.46 -13.47
CA VAL B 463 30.44 -3.45 -12.94
C VAL B 463 29.52 -3.33 -14.16
N THR B 464 29.85 -2.47 -15.13
CA THR B 464 29.03 -2.31 -16.36
C THR B 464 28.97 -3.64 -17.08
N ALA B 465 30.11 -4.30 -17.25
CA ALA B 465 30.18 -5.62 -17.92
C ALA B 465 29.31 -6.64 -17.19
N GLY B 466 29.44 -6.77 -15.88
CA GLY B 466 28.69 -7.82 -15.15
C GLY B 466 27.19 -7.56 -15.11
N ILE B 467 26.78 -6.30 -15.06
CA ILE B 467 25.34 -5.92 -15.10
C ILE B 467 24.83 -6.24 -16.51
N LEU B 468 25.62 -5.95 -17.53
CA LEU B 468 25.22 -6.26 -18.93
C LEU B 468 25.11 -7.78 -19.07
N LYS B 469 25.87 -8.55 -18.29
CA LYS B 469 25.85 -10.03 -18.29
C LYS B 469 24.91 -10.56 -17.21
N GLY B 470 24.10 -9.69 -16.60
CA GLY B 470 22.95 -10.09 -15.76
C GLY B 470 23.10 -9.96 -14.24
N ALA B 471 24.16 -9.41 -13.69
CA ALA B 471 24.28 -9.31 -12.20
C ALA B 471 23.19 -8.36 -11.70
N ASN B 472 22.64 -8.62 -10.51
CA ASN B 472 21.50 -7.80 -10.00
C ASN B 472 21.99 -6.85 -8.91
N ILE B 473 23.05 -7.20 -8.18
CA ILE B 473 23.57 -6.40 -7.07
C ILE B 473 25.06 -6.25 -7.28
N ILE B 474 25.59 -5.03 -7.07
CA ILE B 474 27.05 -4.73 -7.12
C ILE B 474 27.49 -4.23 -5.75
N ARG B 475 28.54 -4.81 -5.21
CA ARG B 475 29.21 -4.39 -3.97
C ARG B 475 30.37 -3.49 -4.38
N VAL B 476 30.30 -2.21 -4.00
CA VAL B 476 31.29 -1.19 -4.41
C VAL B 476 31.70 -0.33 -3.24
N HIS B 477 32.94 0.16 -3.33
CA HIS B 477 33.52 1.26 -2.52
C HIS B 477 32.98 2.59 -3.04
N ASN B 478 33.19 2.93 -4.29
CA ASN B 478 32.86 4.30 -4.77
C ASN B 478 31.37 4.34 -5.19
N VAL B 479 30.47 4.73 -4.29
CA VAL B 479 29.01 4.62 -4.55
C VAL B 479 28.62 5.51 -5.77
N ARG B 480 28.93 6.81 -5.82
CA ARG B 480 28.34 7.72 -6.85
C ARG B 480 28.66 7.19 -8.26
N ASP B 481 29.88 6.74 -8.46
CA ASP B 481 30.40 6.39 -9.80
C ASP B 481 29.72 5.11 -10.28
N ASN B 482 29.75 4.06 -9.45
CA ASN B 482 29.07 2.78 -9.78
C ASN B 482 27.54 2.98 -9.88
N VAL B 483 26.95 3.83 -9.06
CA VAL B 483 25.50 4.18 -9.21
C VAL B 483 25.29 4.76 -10.59
N ASP B 484 26.11 5.70 -11.01
CA ASP B 484 25.91 6.31 -12.35
C ASP B 484 25.95 5.19 -13.39
N ALA B 485 26.79 4.16 -13.16
CA ALA B 485 26.97 3.07 -14.13
C ALA B 485 25.70 2.19 -14.14
N ALA B 486 25.29 1.72 -12.98
CA ALA B 486 24.00 1.05 -12.80
C ALA B 486 22.86 1.83 -13.50
N ARG B 487 22.64 3.10 -13.18
CA ARG B 487 21.50 3.87 -13.80
C ARG B 487 21.60 3.79 -15.34
N LEU B 488 22.81 3.84 -15.89
CA LEU B 488 22.97 3.86 -17.37
C LEU B 488 22.73 2.45 -17.92
N CYS B 489 23.36 1.45 -17.32
CA CYS B 489 23.15 0.06 -17.70
C CYS B 489 21.63 -0.19 -17.68
N ASP B 490 20.93 0.19 -16.63
CA ASP B 490 19.49 -0.09 -16.47
C ASP B 490 18.73 0.58 -17.61
N ALA B 491 19.13 1.77 -18.06
CA ALA B 491 18.46 2.47 -19.17
C ALA B 491 18.72 1.70 -20.46
N MET B 492 19.94 1.21 -20.63
CA MET B 492 20.40 0.54 -21.87
C MET B 492 19.72 -0.83 -22.03
N MET B 493 19.39 -1.51 -20.93
CA MET B 493 18.91 -2.91 -20.91
C MET B 493 17.39 -2.95 -20.81
N THR B 494 16.77 -1.81 -20.60
CA THR B 494 15.31 -1.56 -20.79
C THR B 494 14.92 -1.87 -22.24
N LYS B 495 13.94 -2.77 -22.44
CA LYS B 495 13.38 -3.13 -23.78
C LYS B 495 12.73 -1.90 -24.42
N ARG B 496 13.31 -1.39 -25.51
CA ARG B 496 12.82 -0.19 -26.24
C ARG B 496 12.75 -0.52 -27.74
#